data_6XJW
#
_entry.id   6XJW
#
_cell.length_a   83.916
_cell.length_b   99.639
_cell.length_c   90.544
_cell.angle_alpha   90.00
_cell.angle_beta   97.10
_cell.angle_gamma   90.00
#
_symmetry.space_group_name_H-M   'P 1 21 1'
#
loop_
_entity.id
_entity.type
_entity.pdbx_description
1 polymer 'Self-alkylating Ribozyme (58-MER)'
2 polymer 'Fab HAVx Heavy Chain'
3 polymer 'Fab HAVx Light Chain'
4 non-polymer '2-{[(4R)-4-hydroxyhexyl]oxy}ethyl pentanoate'
5 water water
#
loop_
_entity_poly.entity_id
_entity_poly.type
_entity_poly.pdbx_seq_one_letter_code
_entity_poly.pdbx_strand_id
1 'polyribonucleotide' GGCCGCUCCAGAAGAGGGCCCCCUUGCCCGUUAUCGGGGGCUAGGCUCGAUGUCGGCC A,B
2 'polypeptide(L)'
;SEVQLVESGGGLVQPGGSLRLSCAASGFSLSSSSMHWVRQAPGKGLEWVASISPYSGSTSYADSVKGRFTISADTSKNTA
YLQMNSLRAEDTAVYYCARTKYHYKNYYWWALDYWGQGTLVTVSSASTKGPSVFPLAPSSKSTSGGTAALGCLVKDYFPE
PVTVSWNSGALTSGVHTFPAVLQSSGLYSLSSVVTVPSSSLGTQTYICNVNHKPSNTKVDKKVEPKSC
;
C,H
3 'polypeptide(L)'
;SDIQMTQSPSSLSASVGDRVTITCRASQSVYYSVAWYQQKPGKAPKLLIYSASYLYSGVPSRFSGSRSGTDFTLTISSLQ
PEDFATYYCQQYRRRPITFGQGTKVEIKRTVAAPSVFIFPPSDEQLKSGTASVVCLLNNFYPREAKVQWKVDNALQSGNS
QESVTEQDSKDSTYSLSSTLTLSKADYEKHKVYACEVTHQGLSSPVTKSFNRGE
;
D,L
#
loop_
_chem_comp.id
_chem_comp.type
_chem_comp.name
_chem_comp.formula
97C non-polymer '2-{[(4R)-4-hydroxyhexyl]oxy}ethyl pentanoate' 'C13 H26 O4'
A RNA linking ADENOSINE-5'-MONOPHOSPHATE 'C10 H14 N5 O7 P'
C RNA linking CYTIDINE-5'-MONOPHOSPHATE 'C9 H14 N3 O8 P'
G RNA linking GUANOSINE-5'-MONOPHOSPHATE 'C10 H14 N5 O8 P'
U RNA linking URIDINE-5'-MONOPHOSPHATE 'C9 H13 N2 O9 P'
#
# COMPACT_ATOMS: atom_id res chain seq x y z
N SER C 1 -28.10 7.29 11.87
CA SER C 1 -28.77 6.25 11.07
C SER C 1 -29.83 6.86 10.15
N GLU C 2 -29.36 7.39 9.03
CA GLU C 2 -30.23 7.96 8.02
C GLU C 2 -30.89 6.88 7.17
N VAL C 3 -30.19 5.77 6.96
CA VAL C 3 -30.66 4.64 6.18
C VAL C 3 -31.44 3.67 7.07
N GLN C 4 -32.59 3.20 6.59
CA GLN C 4 -33.33 2.14 7.26
C GLN C 4 -33.78 1.12 6.24
N LEU C 5 -33.82 -0.12 6.68
CA LEU C 5 -34.35 -1.23 5.91
C LEU C 5 -35.25 -2.00 6.86
N VAL C 6 -36.56 -1.98 6.62
CA VAL C 6 -37.52 -2.57 7.55
C VAL C 6 -38.18 -3.75 6.87
N GLU C 7 -37.80 -4.95 7.32
CA GLU C 7 -38.38 -6.18 6.77
C GLU C 7 -39.71 -6.51 7.44
N SER C 8 -40.61 -7.10 6.67
CA SER C 8 -41.85 -7.66 7.20
C SER C 8 -42.27 -8.81 6.30
N GLY C 9 -43.29 -9.54 6.75
CA GLY C 9 -43.84 -10.63 5.99
C GLY C 9 -43.46 -12.01 6.48
N GLY C 10 -42.50 -12.13 7.40
CA GLY C 10 -42.13 -13.43 7.90
C GLY C 10 -43.29 -14.11 8.62
N GLY C 11 -43.14 -15.40 8.84
CA GLY C 11 -44.19 -16.12 9.54
C GLY C 11 -43.99 -17.61 9.37
N LEU C 12 -45.03 -18.36 9.70
CA LEU C 12 -45.01 -19.81 9.71
C LEU C 12 -45.76 -20.31 8.48
N VAL C 13 -45.16 -21.27 7.75
CA VAL C 13 -45.80 -21.79 6.54
C VAL C 13 -45.55 -23.30 6.42
N GLN C 14 -46.47 -23.97 5.76
CA GLN C 14 -46.30 -25.39 5.57
C GLN C 14 -45.38 -25.68 4.39
N PRO C 15 -44.73 -26.84 4.36
CA PRO C 15 -43.92 -27.19 3.20
C PRO C 15 -44.77 -27.17 1.94
N GLY C 16 -44.23 -26.62 0.88
CA GLY C 16 -44.98 -26.41 -0.34
C GLY C 16 -45.67 -25.06 -0.43
N GLY C 17 -45.78 -24.33 0.69
CA GLY C 17 -46.49 -23.07 0.70
C GLY C 17 -45.62 -21.90 0.26
N SER C 18 -46.23 -20.71 0.32
CA SER C 18 -45.62 -19.49 -0.15
C SER C 18 -45.59 -18.44 0.95
N LEU C 19 -44.63 -17.52 0.84
CA LEU C 19 -44.54 -16.32 1.63
C LEU C 19 -43.96 -15.21 0.78
N ARG C 20 -44.38 -13.97 1.02
CA ARG C 20 -43.72 -12.83 0.40
C ARG C 20 -43.13 -11.92 1.49
N LEU C 21 -41.83 -11.71 1.44
CA LEU C 21 -41.15 -10.79 2.35
C LEU C 21 -41.07 -9.41 1.70
N SER C 22 -41.14 -8.38 2.54
CA SER C 22 -41.04 -7.00 2.11
C SER C 22 -39.87 -6.34 2.80
N CYS C 23 -39.20 -5.44 2.09
CA CYS C 23 -38.10 -4.67 2.65
C CYS C 23 -38.32 -3.20 2.28
N ALA C 24 -38.85 -2.42 3.20
CA ALA C 24 -39.14 -1.01 2.93
C ALA C 24 -37.90 -0.20 3.28
N ALA C 25 -37.37 0.52 2.28
CA ALA C 25 -36.12 1.27 2.43
C ALA C 25 -36.40 2.74 2.63
N SER C 26 -35.66 3.37 3.55
CA SER C 26 -35.59 4.83 3.60
C SER C 26 -34.15 5.30 3.75
N GLY C 27 -33.93 6.54 3.37
CA GLY C 27 -32.61 7.14 3.38
C GLY C 27 -31.86 7.05 2.07
N PHE C 28 -32.38 6.35 1.08
CA PHE C 28 -31.73 6.23 -0.22
C PHE C 28 -32.78 5.78 -1.22
N SER C 29 -32.47 5.96 -2.51
CA SER C 29 -33.36 5.50 -3.58
C SER C 29 -32.97 4.08 -4.02
N LEU C 30 -33.97 3.17 -4.15
CA LEU C 30 -33.65 1.83 -4.62
C LEU C 30 -32.97 1.85 -5.98
N SER C 31 -33.24 2.86 -6.81
CA SER C 31 -32.63 2.90 -8.13
C SER C 31 -31.17 3.28 -8.08
N SER C 32 -30.68 3.63 -6.89
CA SER C 32 -29.27 3.87 -6.64
C SER C 32 -28.69 2.78 -5.74
N SER C 33 -29.11 1.53 -5.96
CA SER C 33 -28.66 0.47 -5.07
C SER C 33 -28.84 -0.90 -5.71
N SER C 34 -28.18 -1.87 -5.12
CA SER C 34 -28.45 -3.28 -5.32
C SER C 34 -29.06 -3.78 -4.04
N MET C 35 -30.22 -4.43 -4.10
CA MET C 35 -30.89 -4.92 -2.90
C MET C 35 -30.71 -6.42 -2.81
N HIS C 36 -30.56 -6.93 -1.58
CA HIS C 36 -30.21 -8.33 -1.39
C HIS C 36 -31.07 -8.93 -0.28
N TRP C 37 -31.24 -10.24 -0.37
CA TRP C 37 -31.75 -11.05 0.73
C TRP C 37 -30.68 -12.07 1.09
N VAL C 38 -30.35 -12.13 2.37
CA VAL C 38 -29.38 -13.05 2.93
C VAL C 38 -30.03 -13.73 4.12
N ARG C 39 -29.85 -15.04 4.24
CA ARG C 39 -30.55 -15.73 5.32
C ARG C 39 -29.57 -16.44 6.26
N GLN C 40 -30.09 -16.76 7.43
CA GLN C 40 -29.30 -17.33 8.52
C GLN C 40 -30.16 -18.35 9.25
N ALA C 41 -29.90 -19.62 8.96
CA ALA C 41 -30.62 -20.70 9.58
C ALA C 41 -30.29 -20.73 11.06
N PRO C 42 -31.20 -21.23 11.90
CA PRO C 42 -30.97 -21.20 13.36
C PRO C 42 -29.62 -21.78 13.73
N GLY C 43 -28.83 -20.97 14.44
CA GLY C 43 -27.51 -21.37 14.87
C GLY C 43 -26.48 -21.56 13.77
N LYS C 44 -26.73 -21.01 12.58
CA LYS C 44 -25.76 -21.17 11.49
C LYS C 44 -25.33 -19.84 10.90
N GLY C 45 -24.61 -19.87 9.79
CA GLY C 45 -23.99 -18.70 9.20
C GLY C 45 -24.89 -17.99 8.19
N LEU C 46 -24.26 -17.12 7.40
CA LEU C 46 -24.99 -16.28 6.45
C LEU C 46 -24.96 -16.91 5.06
N GLU C 47 -26.12 -16.96 4.42
CA GLU C 47 -26.26 -17.53 3.09
C GLU C 47 -26.96 -16.52 2.18
N TRP C 48 -26.28 -16.11 1.12
CA TRP C 48 -26.92 -15.23 0.13
C TRP C 48 -28.06 -15.94 -0.57
N VAL C 49 -29.15 -15.23 -0.79
CA VAL C 49 -30.36 -15.77 -1.40
C VAL C 49 -30.63 -15.17 -2.78
N ALA C 50 -30.65 -13.83 -2.86
CA ALA C 50 -31.05 -13.20 -4.11
C ALA C 50 -30.62 -11.74 -4.09
N SER C 51 -30.33 -11.22 -5.30
CA SER C 51 -29.98 -9.81 -5.48
C SER C 51 -30.78 -9.22 -6.63
N ILE C 52 -31.03 -7.92 -6.56
CA ILE C 52 -31.70 -7.18 -7.63
C ILE C 52 -31.09 -5.78 -7.75
N SER C 53 -30.94 -5.33 -8.98
CA SER C 53 -30.64 -3.93 -9.26
C SER C 53 -31.92 -3.29 -9.77
N PRO C 54 -32.64 -2.52 -8.95
CA PRO C 54 -33.91 -1.95 -9.44
C PRO C 54 -33.76 -1.03 -10.63
N TYR C 55 -32.60 -0.39 -10.79
CA TYR C 55 -32.41 0.48 -11.94
C TYR C 55 -32.50 -0.29 -13.25
N SER C 56 -31.89 -1.47 -13.31
CA SER C 56 -31.90 -2.26 -14.55
C SER C 56 -32.90 -3.40 -14.54
N GLY C 57 -33.40 -3.79 -13.37
CA GLY C 57 -34.22 -4.98 -13.27
C GLY C 57 -33.44 -6.27 -13.24
N SER C 58 -32.11 -6.20 -13.30
CA SER C 58 -31.28 -7.41 -13.28
C SER C 58 -31.42 -8.11 -11.93
N THR C 59 -31.45 -9.45 -11.96
CA THR C 59 -31.60 -10.26 -10.75
C THR C 59 -30.64 -11.43 -10.79
N SER C 60 -30.33 -11.98 -9.62
CA SER C 60 -29.60 -13.25 -9.50
C SER C 60 -30.04 -13.99 -8.24
N TYR C 61 -29.82 -15.31 -8.23
CA TYR C 61 -30.36 -16.21 -7.20
C TYR C 61 -29.33 -17.28 -6.82
N ALA C 62 -29.36 -17.68 -5.56
CA ALA C 62 -28.66 -18.90 -5.17
C ALA C 62 -29.28 -20.10 -5.86
N ASP C 63 -28.43 -21.09 -6.21
CA ASP C 63 -28.92 -22.27 -6.95
C ASP C 63 -30.08 -22.93 -6.22
N SER C 64 -30.03 -22.98 -4.90
CA SER C 64 -31.04 -23.76 -4.19
C SER C 64 -32.40 -23.06 -4.13
N VAL C 65 -32.52 -21.82 -4.60
CA VAL C 65 -33.82 -21.16 -4.68
C VAL C 65 -34.24 -20.82 -6.09
N LYS C 66 -33.38 -21.02 -7.10
CA LYS C 66 -33.78 -20.75 -8.49
C LYS C 66 -35.06 -21.46 -8.82
N GLY C 67 -36.00 -20.74 -9.42
CA GLY C 67 -37.27 -21.29 -9.82
C GLY C 67 -38.35 -21.22 -8.74
N ARG C 68 -37.96 -21.20 -7.49
CA ARG C 68 -38.86 -21.13 -6.34
C ARG C 68 -39.08 -19.70 -5.86
N PHE C 69 -38.02 -18.90 -5.83
CA PHE C 69 -38.01 -17.57 -5.24
C PHE C 69 -37.90 -16.53 -6.34
N THR C 70 -38.58 -15.40 -6.16
CA THR C 70 -38.48 -14.30 -7.12
C THR C 70 -38.26 -13.01 -6.35
N ILE C 71 -37.19 -12.29 -6.69
CA ILE C 71 -36.89 -11.01 -6.06
C ILE C 71 -37.36 -9.91 -6.99
N SER C 72 -37.92 -8.85 -6.43
CA SER C 72 -38.50 -7.79 -7.24
C SER C 72 -38.43 -6.49 -6.47
N ALA C 73 -38.78 -5.39 -7.14
CA ALA C 73 -38.73 -4.10 -6.51
C ALA C 73 -39.87 -3.23 -7.05
N ASP C 74 -40.42 -2.39 -6.18
CA ASP C 74 -41.42 -1.40 -6.53
C ASP C 74 -40.79 -0.03 -6.21
N THR C 75 -40.28 0.65 -7.23
CA THR C 75 -39.63 1.93 -6.94
C THR C 75 -40.60 2.98 -6.42
N SER C 76 -41.89 2.90 -6.79
CA SER C 76 -42.86 3.87 -6.28
C SER C 76 -43.11 3.71 -4.79
N LYS C 77 -42.80 2.54 -4.22
CA LYS C 77 -42.85 2.38 -2.79
C LYS C 77 -41.46 2.30 -2.16
N ASN C 78 -40.40 2.45 -2.96
CA ASN C 78 -39.02 2.25 -2.50
C ASN C 78 -38.88 0.96 -1.67
N THR C 79 -39.52 -0.10 -2.14
CA THR C 79 -39.58 -1.34 -1.41
C THR C 79 -39.18 -2.50 -2.31
N ALA C 80 -38.42 -3.45 -1.75
CA ALA C 80 -38.03 -4.68 -2.41
C ALA C 80 -38.78 -5.85 -1.80
N TYR C 81 -38.94 -6.92 -2.58
CA TYR C 81 -39.74 -8.08 -2.17
C TYR C 81 -39.00 -9.38 -2.49
N LEU C 82 -39.30 -10.40 -1.71
CA LEU C 82 -38.88 -11.77 -2.03
C LEU C 82 -40.13 -12.62 -1.94
N GLN C 83 -40.58 -13.08 -3.09
CA GLN C 83 -41.69 -14.01 -3.19
C GLN C 83 -41.09 -15.41 -3.12
N MET C 84 -41.46 -16.14 -2.09
CA MET C 84 -40.91 -17.47 -1.82
C MET C 84 -42.00 -18.50 -2.04
N ASN C 85 -41.85 -19.34 -3.06
CA ASN C 85 -42.78 -20.44 -3.34
C ASN C 85 -42.10 -21.79 -3.04
N SER C 86 -42.92 -22.85 -2.96
CA SER C 86 -42.42 -24.20 -2.72
C SER C 86 -41.42 -24.24 -1.55
N LEU C 87 -41.78 -23.60 -0.44
CA LEU C 87 -40.92 -23.57 0.73
C LEU C 87 -40.77 -24.94 1.36
N ARG C 88 -39.61 -25.17 1.98
CA ARG C 88 -39.31 -26.42 2.67
C ARG C 88 -38.66 -26.11 4.02
N ALA C 89 -38.59 -27.12 4.89
CA ALA C 89 -38.11 -26.93 6.26
C ALA C 89 -36.72 -26.33 6.25
N GLU C 90 -35.87 -26.71 5.30
CA GLU C 90 -34.54 -26.16 5.28
C GLU C 90 -34.50 -24.68 4.91
N ASP C 91 -35.62 -24.07 4.47
CA ASP C 91 -35.65 -22.63 4.26
C ASP C 91 -35.84 -21.87 5.56
N THR C 92 -36.11 -22.55 6.67
CA THR C 92 -36.31 -21.89 7.94
C THR C 92 -35.08 -21.10 8.32
N ALA C 93 -35.27 -19.81 8.59
CA ALA C 93 -34.14 -18.90 8.83
C ALA C 93 -34.66 -17.52 9.15
N VAL C 94 -33.78 -16.69 9.73
CA VAL C 94 -33.98 -15.25 9.71
C VAL C 94 -33.56 -14.73 8.35
N TYR C 95 -34.45 -13.99 7.69
CA TYR C 95 -34.16 -13.43 6.37
C TYR C 95 -33.85 -11.95 6.53
N TYR C 96 -32.64 -11.55 6.15
CA TYR C 96 -32.20 -10.16 6.16
C TYR C 96 -32.31 -9.57 4.75
N CYS C 97 -32.62 -8.28 4.73
CA CYS C 97 -32.63 -7.51 3.51
C CYS C 97 -31.42 -6.59 3.65
N ALA C 98 -30.66 -6.40 2.58
CA ALA C 98 -29.43 -5.62 2.62
C ALA C 98 -29.31 -4.77 1.35
N ARG C 99 -28.48 -3.73 1.43
CA ARG C 99 -28.27 -2.78 0.33
C ARG C 99 -26.79 -2.66 0.00
N THR C 100 -26.50 -2.51 -1.27
CA THR C 100 -25.22 -2.00 -1.75
C THR C 100 -25.49 -0.69 -2.49
N LYS C 101 -24.80 0.36 -2.07
CA LYS C 101 -24.97 1.66 -2.68
C LYS C 101 -24.32 1.67 -4.06
N TYR C 102 -25.04 2.23 -5.03
CA TYR C 102 -24.49 2.44 -6.37
C TYR C 102 -23.54 3.61 -6.35
N HIS C 103 -22.41 3.46 -7.04
CA HIS C 103 -21.43 4.52 -7.21
C HIS C 103 -21.07 4.63 -8.68
N TYR C 104 -21.33 5.81 -9.25
CA TYR C 104 -21.14 5.98 -10.69
C TYR C 104 -19.70 5.78 -11.11
N LYS C 105 -18.74 6.09 -10.21
CA LYS C 105 -17.32 5.91 -10.51
C LYS C 105 -16.85 4.47 -10.47
N ASN C 106 -17.61 3.58 -9.84
CA ASN C 106 -17.18 2.20 -9.73
C ASN C 106 -17.42 1.45 -11.04
N TYR C 107 -17.02 0.17 -11.06
CA TYR C 107 -17.14 -0.69 -12.23
C TYR C 107 -17.81 -1.99 -11.86
N TYR C 108 -18.15 -2.19 -10.60
CA TYR C 108 -18.87 -3.37 -10.14
C TYR C 108 -19.39 -3.09 -8.75
N TRP C 109 -20.38 -3.87 -8.36
CA TRP C 109 -20.93 -3.80 -7.02
C TRP C 109 -19.91 -4.31 -5.98
N TRP C 110 -19.89 -3.65 -4.82
CA TRP C 110 -18.96 -3.96 -3.74
C TRP C 110 -19.68 -4.76 -2.66
N ALA C 111 -19.58 -4.40 -1.37
CA ALA C 111 -20.05 -5.21 -0.25
C ALA C 111 -21.50 -4.88 0.12
N LEU C 112 -21.99 -5.54 1.17
CA LEU C 112 -23.36 -5.30 1.64
C LEU C 112 -23.30 -4.23 2.73
N ASP C 113 -23.51 -2.98 2.35
CA ASP C 113 -23.11 -1.94 3.28
C ASP C 113 -24.18 -1.57 4.31
N TYR C 114 -25.41 -2.08 4.20
CA TYR C 114 -26.39 -1.83 5.26
C TYR C 114 -27.40 -2.95 5.27
N TRP C 115 -27.76 -3.39 6.48
CA TRP C 115 -28.61 -4.55 6.69
C TRP C 115 -29.78 -4.16 7.59
N GLY C 116 -30.97 -4.69 7.27
CA GLY C 116 -32.11 -4.58 8.16
C GLY C 116 -32.02 -5.61 9.28
N GLN C 117 -32.95 -5.52 10.24
CA GLN C 117 -32.87 -6.41 11.40
C GLN C 117 -33.32 -7.84 11.12
N GLY C 118 -34.03 -8.07 10.03
CA GLY C 118 -34.36 -9.43 9.70
C GLY C 118 -35.78 -9.80 10.10
N THR C 119 -36.35 -10.75 9.36
CA THR C 119 -37.67 -11.30 9.66
C THR C 119 -37.54 -12.83 9.65
N LEU C 120 -38.24 -13.49 10.57
CA LEU C 120 -38.13 -14.93 10.77
C LEU C 120 -39.11 -15.68 9.87
N VAL C 121 -38.60 -16.67 9.15
CA VAL C 121 -39.41 -17.53 8.31
C VAL C 121 -39.28 -18.96 8.86
N THR C 122 -40.42 -19.56 9.19
CA THR C 122 -40.45 -20.93 9.69
C THR C 122 -41.29 -21.80 8.77
N VAL C 123 -40.70 -22.89 8.28
CA VAL C 123 -41.37 -23.81 7.37
C VAL C 123 -41.47 -25.16 8.05
N SER C 124 -42.70 -25.61 8.30
CA SER C 124 -42.92 -26.84 9.04
C SER C 124 -44.32 -27.37 8.76
N SER C 125 -44.43 -28.70 8.74
CA SER C 125 -45.73 -29.36 8.64
C SER C 125 -46.31 -29.70 10.00
N ALA C 126 -45.61 -29.40 11.10
CA ALA C 126 -46.12 -29.68 12.43
C ALA C 126 -47.36 -28.85 12.72
N SER C 127 -48.24 -29.39 13.56
CA SER C 127 -49.44 -28.71 14.03
C SER C 127 -49.20 -28.12 15.41
N THR C 128 -49.88 -27.02 15.68
CA THR C 128 -49.76 -26.34 16.97
C THR C 128 -50.04 -27.31 18.11
N LYS C 129 -49.17 -27.32 19.12
CA LYS C 129 -49.33 -28.23 20.24
C LYS C 129 -48.69 -27.59 21.47
N GLY C 130 -49.42 -27.57 22.58
CA GLY C 130 -48.88 -27.07 23.82
C GLY C 130 -47.88 -28.07 24.37
N PRO C 131 -46.98 -27.61 25.23
CA PRO C 131 -45.96 -28.50 25.76
C PRO C 131 -46.50 -29.42 26.86
N SER C 132 -45.85 -30.57 26.98
CA SER C 132 -45.92 -31.37 28.20
C SER C 132 -44.76 -30.95 29.08
N VAL C 133 -45.06 -30.70 30.36
CA VAL C 133 -44.06 -30.22 31.30
C VAL C 133 -43.81 -31.31 32.32
N PHE C 134 -42.56 -31.77 32.40
CA PHE C 134 -42.23 -32.83 33.34
C PHE C 134 -41.16 -32.38 34.31
N PRO C 135 -41.28 -32.76 35.57
CA PRO C 135 -40.32 -32.28 36.55
C PRO C 135 -38.98 -32.95 36.36
N LEU C 136 -37.92 -32.20 36.61
CA LEU C 136 -36.57 -32.74 36.72
C LEU C 136 -36.25 -32.67 38.21
N ALA C 137 -36.52 -33.77 38.93
CA ALA C 137 -36.51 -33.68 40.38
C ALA C 137 -35.11 -33.91 40.94
N PRO C 138 -34.74 -33.20 42.01
CA PRO C 138 -33.52 -33.58 42.74
C PRO C 138 -33.79 -34.81 43.59
N SER C 139 -32.83 -35.72 43.65
CA SER C 139 -32.93 -36.85 44.57
C SER C 139 -31.84 -36.76 45.63
N SER C 140 -32.07 -37.46 46.75
CA SER C 140 -31.07 -37.45 47.82
C SER C 140 -29.77 -38.10 47.39
N LYS C 141 -29.82 -39.09 46.49
CA LYS C 141 -28.59 -39.74 46.05
C LYS C 141 -27.69 -38.77 45.30
N SER C 142 -28.25 -38.01 44.36
CA SER C 142 -27.47 -37.28 43.36
C SER C 142 -27.32 -35.80 43.71
N THR C 143 -27.19 -35.49 44.99
CA THR C 143 -26.95 -34.12 45.45
C THR C 143 -25.47 -33.85 45.64
N SER C 144 -24.97 -32.79 45.01
CA SER C 144 -23.54 -32.47 45.00
C SER C 144 -23.29 -31.33 45.99
N GLY C 145 -22.63 -31.66 47.11
CA GLY C 145 -22.31 -30.67 48.11
C GLY C 145 -23.57 -30.02 48.65
N GLY C 146 -23.54 -28.71 48.83
CA GLY C 146 -24.72 -28.05 49.34
C GLY C 146 -25.70 -27.60 48.29
N THR C 147 -25.46 -27.95 47.04
CA THR C 147 -26.26 -27.44 45.93
C THR C 147 -26.99 -28.59 45.25
N ALA C 148 -28.29 -28.43 45.09
CA ALA C 148 -29.10 -29.31 44.27
C ALA C 148 -29.46 -28.62 42.97
N ALA C 149 -29.65 -29.41 41.92
CA ALA C 149 -30.20 -28.91 40.68
C ALA C 149 -31.57 -29.54 40.49
N LEU C 150 -32.51 -28.72 40.04
CA LEU C 150 -33.84 -29.20 39.71
C LEU C 150 -34.27 -28.45 38.47
N GLY C 151 -35.36 -28.88 37.86
CA GLY C 151 -35.77 -28.23 36.64
C GLY C 151 -37.07 -28.77 36.11
N CYS C 152 -37.36 -28.34 34.89
CA CYS C 152 -38.56 -28.74 34.16
C CYS C 152 -38.16 -29.06 32.73
N LEU C 153 -38.64 -30.19 32.23
CA LEU C 153 -38.51 -30.53 30.82
C LEU C 153 -39.79 -30.09 30.12
N VAL C 154 -39.65 -29.19 29.15
CA VAL C 154 -40.75 -28.58 28.42
C VAL C 154 -40.74 -29.25 27.05
N LYS C 155 -41.56 -30.27 26.88
CA LYS C 155 -41.35 -31.24 25.82
C LYS C 155 -42.47 -31.17 24.78
N ASP C 156 -42.08 -31.34 23.52
CA ASP C 156 -43.00 -31.65 22.43
C ASP C 156 -44.03 -30.54 22.22
N TYR C 157 -43.54 -29.32 21.99
CA TYR C 157 -44.43 -28.23 21.63
C TYR C 157 -44.13 -27.70 20.24
N PHE C 158 -45.10 -26.98 19.69
CA PHE C 158 -44.89 -26.34 18.40
C PHE C 158 -45.95 -25.27 18.28
N PRO C 159 -45.59 -24.07 17.76
CA PRO C 159 -44.23 -23.70 17.38
C PRO C 159 -43.51 -23.00 18.52
N GLU C 160 -42.29 -22.53 18.28
CA GLU C 160 -41.63 -21.62 19.20
C GLU C 160 -42.46 -20.34 19.31
N PRO C 161 -42.33 -19.58 20.42
CA PRO C 161 -41.49 -19.82 21.59
C PRO C 161 -42.29 -20.29 22.81
N VAL C 162 -41.60 -20.79 23.83
CA VAL C 162 -42.14 -20.88 25.18
C VAL C 162 -41.35 -19.90 26.04
N THR C 163 -41.97 -19.46 27.13
CA THR C 163 -41.27 -18.76 28.19
C THR C 163 -41.34 -19.61 29.45
N VAL C 164 -40.28 -19.55 30.25
CA VAL C 164 -40.23 -20.24 31.53
C VAL C 164 -39.82 -19.24 32.60
N SER C 165 -40.59 -19.18 33.68
CA SER C 165 -40.11 -18.52 34.88
C SER C 165 -40.18 -19.52 36.03
N TRP C 166 -39.63 -19.10 37.17
CA TRP C 166 -39.63 -19.93 38.36
C TRP C 166 -40.25 -19.13 39.51
N ASN C 167 -41.14 -19.78 40.27
CA ASN C 167 -41.83 -19.17 41.40
C ASN C 167 -42.42 -17.82 40.98
N SER C 168 -43.06 -17.81 39.81
CA SER C 168 -43.72 -16.63 39.24
C SER C 168 -42.76 -15.47 39.04
N GLY C 169 -41.49 -15.77 38.74
CA GLY C 169 -40.50 -14.74 38.57
C GLY C 169 -39.76 -14.36 39.83
N ALA C 170 -40.18 -14.85 40.99
CA ALA C 170 -39.47 -14.54 42.22
C ALA C 170 -38.13 -15.24 42.33
N LEU C 171 -37.86 -16.25 41.51
CA LEU C 171 -36.63 -17.03 41.60
C LEU C 171 -35.91 -16.85 40.28
N THR C 172 -34.77 -16.18 40.30
CA THR C 172 -34.10 -15.84 39.06
C THR C 172 -32.63 -16.23 39.11
N SER C 173 -32.00 -16.18 40.29
CA SER C 173 -30.59 -16.48 40.36
C SER C 173 -30.34 -17.99 40.18
N GLY C 174 -29.38 -18.33 39.34
CA GLY C 174 -29.07 -19.72 39.07
C GLY C 174 -29.98 -20.40 38.07
N VAL C 175 -30.94 -19.69 37.48
CA VAL C 175 -31.83 -20.27 36.47
C VAL C 175 -31.11 -20.30 35.13
N HIS C 176 -31.20 -21.44 34.44
CA HIS C 176 -30.71 -21.55 33.07
C HIS C 176 -31.83 -22.18 32.26
N THR C 177 -32.36 -21.44 31.29
CA THR C 177 -33.36 -21.99 30.37
C THR C 177 -32.66 -22.19 29.03
N PHE C 178 -32.54 -23.46 28.61
CA PHE C 178 -31.73 -23.77 27.45
C PHE C 178 -32.48 -23.44 26.15
N PRO C 179 -31.74 -23.13 25.08
CA PRO C 179 -32.37 -23.00 23.76
C PRO C 179 -33.12 -24.27 23.41
N ALA C 180 -34.25 -24.10 22.72
CA ALA C 180 -34.99 -25.24 22.22
C ALA C 180 -34.17 -25.99 21.15
N VAL C 181 -34.37 -27.30 21.11
CA VAL C 181 -33.87 -28.09 19.99
C VAL C 181 -35.08 -28.59 19.21
N LEU C 182 -34.94 -28.58 17.88
CA LEU C 182 -35.94 -29.15 16.99
C LEU C 182 -35.72 -30.66 16.94
N GLN C 183 -36.66 -31.41 17.48
CA GLN C 183 -36.63 -32.85 17.48
C GLN C 183 -37.03 -33.40 16.12
N SER C 184 -36.70 -34.67 15.90
CA SER C 184 -36.94 -35.31 14.61
C SER C 184 -38.42 -35.44 14.31
N SER C 185 -39.27 -35.42 15.35
CA SER C 185 -40.71 -35.34 15.16
C SER C 185 -41.17 -34.01 14.60
N GLY C 186 -40.29 -33.02 14.50
CA GLY C 186 -40.70 -31.69 14.12
C GLY C 186 -41.23 -30.85 15.25
N LEU C 187 -41.29 -31.40 16.46
CA LEU C 187 -41.68 -30.65 17.65
C LEU C 187 -40.43 -30.16 18.38
N TYR C 188 -40.63 -29.14 19.21
CA TYR C 188 -39.56 -28.57 20.01
C TYR C 188 -39.62 -29.08 21.44
N SER C 189 -38.46 -29.02 22.11
CA SER C 189 -38.33 -29.46 23.48
C SER C 189 -37.17 -28.69 24.10
N LEU C 190 -37.32 -28.33 25.36
CA LEU C 190 -36.24 -27.67 26.07
C LEU C 190 -36.36 -27.92 27.57
N SER C 191 -35.26 -27.72 28.27
CA SER C 191 -35.24 -27.80 29.72
C SER C 191 -34.89 -26.45 30.30
N SER C 192 -35.48 -26.15 31.46
CA SER C 192 -35.10 -25.05 32.31
C SER C 192 -34.72 -25.62 33.66
N VAL C 193 -33.57 -25.19 34.20
CA VAL C 193 -33.04 -25.72 35.45
C VAL C 193 -32.71 -24.54 36.38
N VAL C 194 -32.56 -24.86 37.66
CA VAL C 194 -32.07 -23.91 38.65
C VAL C 194 -31.30 -24.70 39.70
N THR C 195 -30.26 -24.09 40.24
CA THR C 195 -29.55 -24.63 41.39
C THR C 195 -29.93 -23.85 42.64
N VAL C 196 -30.13 -24.58 43.73
CA VAL C 196 -30.57 -24.05 45.02
C VAL C 196 -29.81 -24.78 46.12
N PRO C 197 -29.84 -24.24 47.34
CA PRO C 197 -29.25 -24.99 48.46
C PRO C 197 -30.03 -26.27 48.68
N SER C 198 -29.31 -27.38 48.78
CA SER C 198 -29.98 -28.66 48.96
C SER C 198 -30.69 -28.74 50.31
N SER C 199 -30.12 -28.13 51.35
CA SER C 199 -30.76 -28.16 52.66
C SER C 199 -32.10 -27.44 52.67
N SER C 200 -32.37 -26.59 51.68
CA SER C 200 -33.61 -25.82 51.62
C SER C 200 -34.79 -26.62 51.09
N LEU C 201 -34.53 -27.78 50.46
CA LEU C 201 -35.54 -28.43 49.63
C LEU C 201 -36.79 -28.81 50.40
N GLY C 202 -36.67 -29.07 51.70
CA GLY C 202 -37.84 -29.49 52.46
C GLY C 202 -38.86 -28.40 52.70
N THR C 203 -38.42 -27.15 52.74
CA THR C 203 -39.31 -26.05 53.11
C THR C 203 -39.57 -25.07 51.97
N GLN C 204 -38.91 -25.26 50.84
CA GLN C 204 -39.07 -24.40 49.69
C GLN C 204 -39.89 -25.15 48.66
N THR C 205 -40.77 -24.44 48.01
CA THR C 205 -41.53 -25.01 46.92
C THR C 205 -41.02 -24.36 45.63
N TYR C 206 -40.74 -25.20 44.65
CA TYR C 206 -40.21 -24.74 43.37
C TYR C 206 -41.23 -25.12 42.30
N ILE C 207 -41.73 -24.12 41.61
CA ILE C 207 -42.72 -24.27 40.55
C ILE C 207 -42.15 -23.59 39.32
N CYS C 208 -42.15 -24.30 38.19
CA CYS C 208 -41.79 -23.66 36.93
C CYS C 208 -43.08 -23.19 36.26
N ASN C 209 -43.05 -21.98 35.72
CA ASN C 209 -44.21 -21.40 35.03
C ASN C 209 -43.87 -21.38 33.55
N VAL C 210 -44.57 -22.21 32.78
CA VAL C 210 -44.34 -22.38 31.36
C VAL C 210 -45.50 -21.73 30.61
N ASN C 211 -45.18 -20.79 29.73
CA ASN C 211 -46.17 -20.13 28.89
C ASN C 211 -45.86 -20.44 27.43
N HIS C 212 -46.88 -20.87 26.68
CA HIS C 212 -46.76 -21.14 25.23
C HIS C 212 -47.91 -20.40 24.58
N LYS C 213 -47.69 -19.15 24.20
CA LYS C 213 -48.75 -18.35 23.61
C LYS C 213 -49.40 -18.98 22.38
N PRO C 214 -48.65 -19.52 21.40
CA PRO C 214 -49.31 -20.05 20.20
C PRO C 214 -50.43 -21.04 20.48
N SER C 215 -50.34 -21.81 21.55
CA SER C 215 -51.41 -22.73 21.92
C SER C 215 -52.26 -22.19 23.05
N ASN C 216 -52.00 -20.96 23.50
CA ASN C 216 -52.71 -20.36 24.62
C ASN C 216 -52.58 -21.22 25.88
N THR C 217 -51.40 -21.80 26.07
CA THR C 217 -51.17 -22.72 27.18
C THR C 217 -50.30 -22.06 28.23
N LYS C 218 -50.72 -22.19 29.50
CA LYS C 218 -49.87 -21.85 30.63
C LYS C 218 -49.88 -23.06 31.56
N VAL C 219 -48.70 -23.53 31.95
CA VAL C 219 -48.57 -24.71 32.80
C VAL C 219 -47.68 -24.34 33.97
N ASP C 220 -48.14 -24.63 35.19
CA ASP C 220 -47.32 -24.50 36.39
C ASP C 220 -47.04 -25.89 36.94
N LYS C 221 -45.77 -26.21 37.15
CA LYS C 221 -45.41 -27.54 37.61
C LYS C 221 -44.54 -27.42 38.85
N LYS C 222 -45.03 -27.95 39.96
CA LYS C 222 -44.24 -28.07 41.18
C LYS C 222 -43.20 -29.16 40.99
N VAL C 223 -41.95 -28.83 41.30
CA VAL C 223 -40.85 -29.77 41.24
C VAL C 223 -40.44 -30.07 42.68
N GLU C 224 -40.61 -31.30 43.10
CA GLU C 224 -40.30 -31.68 44.47
C GLU C 224 -39.41 -32.91 44.51
N PRO C 225 -38.67 -33.10 45.61
CA PRO C 225 -37.71 -34.21 45.67
C PRO C 225 -38.39 -35.56 45.54
N LYS C 226 -37.68 -36.51 44.93
CA LYS C 226 -38.12 -37.89 44.80
C LYS C 226 -37.67 -38.72 46.01
N SER C 227 -38.57 -39.57 46.49
CA SER C 227 -38.28 -40.44 47.63
C SER C 227 -38.14 -41.91 47.20
N SER D 1 -17.96 -22.62 -10.90
CA SER D 1 -17.14 -22.95 -9.74
C SER D 1 -17.11 -21.85 -8.68
N ASP D 2 -17.77 -22.10 -7.55
CA ASP D 2 -17.91 -21.11 -6.51
C ASP D 2 -16.65 -21.08 -5.65
N ILE D 3 -16.47 -19.97 -4.95
CA ILE D 3 -15.32 -19.80 -4.07
C ILE D 3 -15.78 -19.92 -2.63
N GLN D 4 -15.17 -20.85 -1.89
CA GLN D 4 -15.50 -21.03 -0.50
C GLN D 4 -14.62 -20.15 0.37
N MET D 5 -15.18 -19.73 1.50
CA MET D 5 -14.48 -18.94 2.49
C MET D 5 -14.50 -19.72 3.80
N THR D 6 -13.33 -20.10 4.28
CA THR D 6 -13.23 -20.97 5.45
C THR D 6 -12.66 -20.16 6.60
N GLN D 7 -13.47 -19.98 7.63
CA GLN D 7 -13.14 -19.11 8.74
C GLN D 7 -12.67 -19.95 9.92
N SER D 8 -11.61 -19.48 10.57
CA SER D 8 -11.13 -20.09 11.80
C SER D 8 -10.64 -18.99 12.73
N PRO D 9 -10.75 -19.20 14.05
CA PRO D 9 -11.39 -20.36 14.65
C PRO D 9 -12.89 -20.13 14.76
N SER D 10 -13.67 -21.18 15.04
CA SER D 10 -15.10 -20.96 15.19
C SER D 10 -15.38 -20.05 16.36
N SER D 11 -14.51 -20.05 17.36
CA SER D 11 -14.66 -19.13 18.47
C SER D 11 -13.33 -18.91 19.15
N LEU D 12 -13.25 -17.79 19.85
CA LEU D 12 -12.10 -17.52 20.67
C LEU D 12 -12.52 -16.67 21.85
N SER D 13 -11.78 -16.82 22.93
CA SER D 13 -12.03 -16.07 24.14
C SER D 13 -10.92 -15.05 24.28
N ALA D 14 -11.29 -13.85 24.72
CA ALA D 14 -10.33 -12.77 24.82
C ALA D 14 -10.78 -11.83 25.93
N SER D 15 -9.88 -10.95 26.33
CA SER D 15 -10.17 -9.96 27.36
C SER D 15 -10.03 -8.58 26.73
N VAL D 16 -10.71 -7.61 27.33
CA VAL D 16 -10.56 -6.21 26.92
C VAL D 16 -9.08 -5.85 26.93
N GLY D 17 -8.63 -5.20 25.87
CA GLY D 17 -7.25 -4.82 25.72
C GLY D 17 -6.43 -5.78 24.91
N ASP D 18 -6.92 -7.01 24.70
CA ASP D 18 -6.18 -7.98 23.90
C ASP D 18 -6.16 -7.55 22.43
N ARG D 19 -5.10 -7.96 21.74
CA ARG D 19 -5.04 -7.92 20.30
C ARG D 19 -5.60 -9.24 19.77
N VAL D 20 -6.61 -9.13 18.92
CA VAL D 20 -7.36 -10.27 18.42
C VAL D 20 -7.24 -10.32 16.91
N THR D 21 -6.98 -11.51 16.38
CA THR D 21 -6.96 -11.72 14.93
C THR D 21 -7.89 -12.87 14.57
N ILE D 22 -8.65 -12.67 13.49
CA ILE D 22 -9.60 -13.64 12.97
C ILE D 22 -9.21 -13.92 11.53
N THR D 23 -9.18 -15.18 11.16
CA THR D 23 -8.65 -15.56 9.86
C THR D 23 -9.76 -16.16 9.01
N CYS D 24 -9.72 -15.85 7.70
CA CYS D 24 -10.62 -16.35 6.66
C CYS D 24 -9.78 -16.83 5.45
N ARG D 25 -9.91 -18.10 5.01
CA ARG D 25 -9.12 -18.57 3.90
C ARG D 25 -10.03 -18.78 2.70
N ALA D 26 -9.70 -18.13 1.59
CA ALA D 26 -10.45 -18.31 0.37
C ALA D 26 -9.97 -19.57 -0.34
N SER D 27 -10.91 -20.36 -0.86
CA SER D 27 -10.56 -21.62 -1.52
C SER D 27 -9.73 -21.39 -2.77
N GLN D 28 -9.78 -20.19 -3.33
CA GLN D 28 -8.91 -19.77 -4.41
C GLN D 28 -8.89 -18.24 -4.40
N SER D 29 -8.08 -17.65 -5.27
CA SER D 29 -7.80 -16.23 -5.17
C SER D 29 -9.07 -15.41 -5.41
N VAL D 30 -9.27 -14.39 -4.58
CA VAL D 30 -10.34 -13.43 -4.70
C VAL D 30 -9.80 -12.01 -4.85
N TYR D 31 -8.54 -11.94 -5.26
CA TYR D 31 -7.79 -10.69 -5.45
C TYR D 31 -7.76 -9.88 -4.16
N TYR D 32 -8.60 -8.86 -4.09
CA TYR D 32 -8.69 -8.02 -2.91
C TYR D 32 -10.14 -7.61 -2.73
N SER D 33 -11.03 -8.57 -2.96
CA SER D 33 -12.46 -8.30 -2.85
C SER D 33 -13.07 -9.09 -1.68
N VAL D 34 -12.70 -8.68 -0.48
CA VAL D 34 -13.16 -9.33 0.73
C VAL D 34 -13.73 -8.27 1.66
N ALA D 35 -14.87 -8.58 2.27
CA ALA D 35 -15.49 -7.75 3.28
C ALA D 35 -15.57 -8.50 4.61
N TRP D 36 -15.61 -7.74 5.71
CA TRP D 36 -15.78 -8.28 7.05
C TRP D 36 -16.99 -7.63 7.70
N TYR D 37 -17.84 -8.44 8.32
CA TYR D 37 -19.04 -7.94 9.00
C TYR D 37 -19.01 -8.29 10.48
N GLN D 38 -19.62 -7.46 11.30
CA GLN D 38 -19.81 -7.75 12.72
C GLN D 38 -21.29 -7.94 13.00
N GLN D 39 -21.62 -8.98 13.75
CA GLN D 39 -23.00 -9.28 14.11
C GLN D 39 -23.08 -9.59 15.59
N LYS D 40 -23.95 -8.82 16.32
CA LYS D 40 -24.27 -9.08 17.72
C LYS D 40 -25.57 -9.87 17.81
N PRO D 41 -25.78 -10.65 18.87
CA PRO D 41 -26.94 -11.54 18.92
C PRO D 41 -28.24 -10.76 18.78
N GLY D 42 -29.12 -11.30 17.94
CA GLY D 42 -30.41 -10.70 17.66
C GLY D 42 -30.37 -9.48 16.76
N LYS D 43 -29.23 -9.16 16.18
CA LYS D 43 -29.04 -7.91 15.48
C LYS D 43 -28.57 -8.14 14.06
N ALA D 44 -28.72 -7.09 13.26
CA ALA D 44 -28.29 -7.11 11.88
C ALA D 44 -26.81 -6.89 11.77
N PRO D 45 -26.15 -7.56 10.82
CA PRO D 45 -24.73 -7.34 10.59
C PRO D 45 -24.43 -5.89 10.20
N LYS D 46 -23.22 -5.46 10.52
CA LYS D 46 -22.69 -4.18 10.12
C LYS D 46 -21.41 -4.40 9.32
N LEU D 47 -21.24 -3.62 8.25
CA LEU D 47 -20.03 -3.67 7.47
C LEU D 47 -18.88 -2.99 8.22
N LEU D 48 -17.77 -3.70 8.40
CA LEU D 48 -16.57 -3.15 9.02
C LEU D 48 -15.48 -2.81 8.00
N ILE D 49 -15.20 -3.74 7.10
CA ILE D 49 -14.06 -3.65 6.21
C ILE D 49 -14.54 -4.01 4.81
N TYR D 50 -14.06 -3.27 3.83
CA TYR D 50 -14.27 -3.63 2.44
C TYR D 50 -12.93 -3.61 1.73
N SER D 51 -12.87 -4.28 0.59
CA SER D 51 -11.66 -4.32 -0.23
C SER D 51 -10.46 -4.77 0.59
N ALA D 52 -10.70 -5.73 1.48
CA ALA D 52 -9.71 -6.41 2.31
C ALA D 52 -9.20 -5.56 3.48
N SER D 53 -8.97 -4.28 3.27
CA SER D 53 -8.26 -3.48 4.25
C SER D 53 -8.83 -2.10 4.47
N TYR D 54 -9.90 -1.71 3.77
CA TYR D 54 -10.44 -0.37 3.89
C TYR D 54 -11.58 -0.37 4.90
N LEU D 55 -11.47 0.53 5.88
CA LEU D 55 -12.45 0.68 6.96
C LEU D 55 -13.71 1.37 6.45
N TYR D 56 -14.85 0.80 6.75
CA TYR D 56 -16.10 1.44 6.35
C TYR D 56 -16.39 2.64 7.26
N SER D 57 -17.31 3.49 6.80
CA SER D 57 -17.66 4.70 7.54
C SER D 57 -18.04 4.35 8.98
N GLY D 58 -17.48 5.08 9.93
CA GLY D 58 -17.88 4.91 11.30
C GLY D 58 -17.20 3.79 12.05
N VAL D 59 -16.35 3.02 11.40
CA VAL D 59 -15.68 1.90 12.06
C VAL D 59 -14.45 2.43 12.78
N PRO D 60 -14.30 2.13 14.07
CA PRO D 60 -13.12 2.62 14.80
C PRO D 60 -11.83 2.07 14.22
N SER D 61 -10.76 2.85 14.36
CA SER D 61 -9.49 2.49 13.75
C SER D 61 -8.78 1.33 14.44
N ARG D 62 -9.29 0.82 15.56
CA ARG D 62 -8.70 -0.39 16.12
C ARG D 62 -8.96 -1.62 15.23
N PHE D 63 -9.90 -1.53 14.30
CA PHE D 63 -10.12 -2.58 13.30
C PHE D 63 -9.18 -2.38 12.11
N SER D 64 -8.59 -3.47 11.66
CA SER D 64 -7.81 -3.44 10.44
C SER D 64 -7.95 -4.78 9.74
N GLY D 65 -7.61 -4.80 8.47
CA GLY D 65 -7.72 -6.01 7.69
C GLY D 65 -6.52 -6.14 6.77
N SER D 66 -6.14 -7.37 6.49
CA SER D 66 -5.00 -7.58 5.63
C SER D 66 -5.16 -8.91 4.90
N ARG D 67 -4.27 -9.13 3.93
CA ARG D 67 -4.29 -10.32 3.10
C ARG D 67 -2.87 -10.87 2.99
N SER D 68 -2.73 -12.19 3.10
CA SER D 68 -1.48 -12.89 2.80
C SER D 68 -1.83 -14.09 1.94
N GLY D 69 -1.60 -13.98 0.63
CA GLY D 69 -1.97 -15.04 -0.27
C GLY D 69 -3.48 -15.17 -0.36
N THR D 70 -4.03 -16.31 0.06
CA THR D 70 -5.47 -16.51 0.09
C THR D 70 -6.04 -16.35 1.48
N ASP D 71 -5.21 -16.01 2.47
CA ASP D 71 -5.63 -15.81 3.85
C ASP D 71 -5.94 -14.34 4.09
N PHE D 72 -7.12 -14.08 4.65
CA PHE D 72 -7.53 -12.73 5.00
C PHE D 72 -7.70 -12.67 6.51
N THR D 73 -7.22 -11.60 7.13
CA THR D 73 -7.31 -11.48 8.57
C THR D 73 -8.01 -10.17 8.92
N LEU D 74 -8.88 -10.24 9.91
CA LEU D 74 -9.39 -9.08 10.61
C LEU D 74 -8.64 -9.00 11.92
N THR D 75 -8.11 -7.82 12.25
CA THR D 75 -7.39 -7.60 13.50
C THR D 75 -8.07 -6.50 14.30
N ILE D 76 -8.32 -6.77 15.59
CA ILE D 76 -8.73 -5.76 16.55
C ILE D 76 -7.55 -5.49 17.47
N SER D 77 -7.04 -4.27 17.44
CA SER D 77 -5.74 -4.00 18.04
C SER D 77 -5.81 -3.99 19.56
N SER D 78 -6.89 -3.44 20.13
CA SER D 78 -7.09 -3.46 21.58
C SER D 78 -8.57 -3.71 21.81
N LEU D 79 -8.93 -4.93 22.18
CA LEU D 79 -10.32 -5.32 22.24
C LEU D 79 -11.09 -4.48 23.24
N GLN D 80 -12.23 -3.95 22.82
CA GLN D 80 -13.14 -3.17 23.65
C GLN D 80 -14.39 -3.97 23.99
N PRO D 81 -15.11 -3.59 25.05
CA PRO D 81 -16.26 -4.41 25.47
C PRO D 81 -17.37 -4.53 24.43
N GLU D 82 -17.62 -3.50 23.63
CA GLU D 82 -18.60 -3.58 22.56
C GLU D 82 -18.14 -4.44 21.38
N ASP D 83 -16.94 -5.02 21.44
CA ASP D 83 -16.40 -5.82 20.34
C ASP D 83 -16.70 -7.31 20.50
N PHE D 84 -17.20 -7.75 21.65
CA PHE D 84 -17.61 -9.14 21.77
C PHE D 84 -18.85 -9.37 20.91
N ALA D 85 -18.71 -10.28 19.94
CA ALA D 85 -19.66 -10.44 18.84
C ALA D 85 -19.22 -11.57 17.93
N THR D 86 -19.95 -11.79 16.86
CA THR D 86 -19.55 -12.71 15.81
C THR D 86 -19.10 -11.92 14.59
N TYR D 87 -18.04 -12.40 13.96
CA TYR D 87 -17.47 -11.74 12.79
C TYR D 87 -17.49 -12.69 11.61
N TYR D 88 -17.90 -12.17 10.45
CA TYR D 88 -17.99 -12.94 9.22
C TYR D 88 -17.16 -12.27 8.13
N CYS D 89 -16.44 -13.07 7.37
CA CYS D 89 -15.83 -12.61 6.13
C CYS D 89 -16.72 -13.03 4.97
N GLN D 90 -16.49 -12.39 3.81
CA GLN D 90 -17.26 -12.63 2.61
C GLN D 90 -16.41 -12.22 1.40
N GLN D 91 -16.45 -13.00 0.34
CA GLN D 91 -15.80 -12.56 -0.90
C GLN D 91 -16.83 -12.02 -1.86
N TYR D 92 -16.42 -11.04 -2.65
CA TYR D 92 -17.27 -10.60 -3.76
C TYR D 92 -16.46 -10.45 -5.04
N ARG D 93 -15.37 -11.20 -5.15
CA ARG D 93 -14.62 -11.21 -6.40
C ARG D 93 -15.41 -11.89 -7.51
N ARG D 94 -16.17 -12.94 -7.16
CA ARG D 94 -16.86 -13.78 -8.13
C ARG D 94 -18.24 -14.16 -7.60
N ARG D 95 -19.26 -14.03 -8.44
CA ARG D 95 -20.60 -14.43 -8.03
C ARG D 95 -20.73 -15.95 -8.11
N PRO D 96 -21.50 -16.58 -7.21
CA PRO D 96 -22.25 -15.97 -6.10
C PRO D 96 -21.38 -15.51 -4.95
N ILE D 97 -21.77 -14.45 -4.23
CA ILE D 97 -21.03 -14.08 -3.03
C ILE D 97 -21.16 -15.20 -1.99
N THR D 98 -20.11 -15.39 -1.21
CA THR D 98 -20.04 -16.46 -0.23
C THR D 98 -19.45 -15.93 1.07
N PHE D 99 -19.89 -16.49 2.20
CA PHE D 99 -19.49 -16.06 3.53
C PHE D 99 -18.75 -17.18 4.25
N GLY D 100 -17.82 -16.80 5.11
CA GLY D 100 -17.28 -17.74 6.09
C GLY D 100 -18.32 -18.05 7.15
N GLN D 101 -18.04 -19.07 7.94
CA GLN D 101 -19.06 -19.51 8.90
C GLN D 101 -19.06 -18.73 10.19
N GLY D 102 -18.14 -17.80 10.40
CA GLY D 102 -18.22 -16.94 11.55
C GLY D 102 -17.18 -17.28 12.63
N THR D 103 -16.77 -16.26 13.37
CA THR D 103 -15.93 -16.42 14.56
C THR D 103 -16.60 -15.65 15.69
N LYS D 104 -16.98 -16.36 16.75
CA LYS D 104 -17.57 -15.72 17.91
C LYS D 104 -16.45 -15.34 18.89
N VAL D 105 -16.33 -14.05 19.17
CA VAL D 105 -15.38 -13.55 20.15
C VAL D 105 -16.10 -13.44 21.48
N GLU D 106 -15.64 -14.22 22.45
CA GLU D 106 -16.26 -14.37 23.76
C GLU D 106 -15.32 -13.91 24.86
N ILE D 107 -15.85 -13.84 26.09
CA ILE D 107 -15.14 -13.26 27.23
C ILE D 107 -14.27 -14.34 27.88
N LYS D 108 -12.97 -14.06 28.01
CA LYS D 108 -12.08 -14.98 28.71
C LYS D 108 -12.25 -14.83 30.22
N ARG D 109 -12.23 -15.97 30.91
CA ARG D 109 -12.18 -16.01 32.37
C ARG D 109 -11.48 -17.30 32.78
N THR D 110 -11.40 -17.56 34.08
CA THR D 110 -10.73 -18.74 34.59
C THR D 110 -11.52 -20.01 34.29
N VAL D 111 -10.78 -21.12 34.25
CA VAL D 111 -11.38 -22.43 34.02
C VAL D 111 -12.36 -22.74 35.13
N ALA D 112 -13.49 -23.35 34.76
CA ALA D 112 -14.47 -23.83 35.73
C ALA D 112 -14.98 -25.19 35.27
N ALA D 113 -14.82 -26.18 36.12
CA ALA D 113 -15.36 -27.50 35.83
C ALA D 113 -16.88 -27.46 35.95
N PRO D 114 -17.62 -28.22 35.13
CA PRO D 114 -19.07 -28.26 35.29
C PRO D 114 -19.44 -29.06 36.52
N SER D 115 -20.54 -28.64 37.16
CA SER D 115 -21.23 -29.50 38.10
C SER D 115 -22.24 -30.31 37.31
N VAL D 116 -22.22 -31.63 37.51
CA VAL D 116 -22.95 -32.56 36.67
C VAL D 116 -24.09 -33.15 37.47
N PHE D 117 -25.27 -33.21 36.86
CA PHE D 117 -26.46 -33.77 37.48
C PHE D 117 -27.17 -34.60 36.42
N ILE D 118 -27.71 -35.75 36.83
CA ILE D 118 -28.50 -36.59 35.92
C ILE D 118 -29.92 -36.67 36.47
N PHE D 119 -30.90 -36.70 35.58
CA PHE D 119 -32.30 -36.76 35.97
C PHE D 119 -32.97 -37.94 35.28
N PRO D 120 -33.44 -38.95 36.02
CA PRO D 120 -34.23 -39.99 35.40
C PRO D 120 -35.52 -39.41 34.86
N PRO D 121 -36.19 -40.09 33.94
CA PRO D 121 -37.50 -39.61 33.50
C PRO D 121 -38.48 -39.68 34.66
N SER D 122 -39.35 -38.68 34.74
CA SER D 122 -40.38 -38.66 35.75
C SER D 122 -41.41 -39.76 35.51
N ASP D 123 -42.10 -40.15 36.58
CA ASP D 123 -43.22 -41.07 36.43
C ASP D 123 -44.30 -40.46 35.54
N GLU D 124 -44.51 -39.16 35.66
CA GLU D 124 -45.43 -38.46 34.76
C GLU D 124 -45.08 -38.73 33.29
N GLN D 125 -43.79 -38.66 32.96
CA GLN D 125 -43.39 -38.86 31.58
C GLN D 125 -43.60 -40.31 31.16
N LEU D 126 -43.16 -41.24 32.02
CA LEU D 126 -43.30 -42.66 31.73
C LEU D 126 -44.76 -43.03 31.48
N LYS D 127 -45.66 -42.52 32.32
CA LYS D 127 -47.09 -42.77 32.11
C LYS D 127 -47.56 -42.27 30.75
N SER D 128 -46.97 -41.19 30.24
CA SER D 128 -47.42 -40.71 28.93
C SER D 128 -46.77 -41.44 27.76
N GLY D 129 -45.72 -42.23 28.00
CA GLY D 129 -45.12 -43.05 26.96
C GLY D 129 -43.70 -42.71 26.57
N THR D 130 -43.09 -41.67 27.14
CA THR D 130 -41.73 -41.31 26.77
C THR D 130 -40.80 -41.38 27.98
N ALA D 131 -39.50 -41.36 27.72
CA ALA D 131 -38.53 -41.37 28.80
C ALA D 131 -37.30 -40.58 28.33
N SER D 132 -37.33 -39.29 28.56
CA SER D 132 -36.16 -38.46 28.34
C SER D 132 -35.33 -38.47 29.61
N VAL D 133 -34.06 -38.80 29.46
CA VAL D 133 -33.09 -38.74 30.55
C VAL D 133 -32.25 -37.51 30.29
N VAL D 134 -32.16 -36.63 31.29
CA VAL D 134 -31.49 -35.34 31.13
C VAL D 134 -30.20 -35.35 31.93
N CYS D 135 -29.12 -34.94 31.28
CA CYS D 135 -27.85 -34.71 31.94
C CYS D 135 -27.53 -33.21 31.86
N LEU D 136 -27.26 -32.62 33.02
CA LEU D 136 -27.02 -31.18 33.13
C LEU D 136 -25.56 -30.92 33.48
N LEU D 137 -24.91 -30.08 32.69
CA LEU D 137 -23.56 -29.61 32.96
C LEU D 137 -23.71 -28.14 33.31
N ASN D 138 -23.41 -27.77 34.54
CA ASN D 138 -23.74 -26.45 35.04
C ASN D 138 -22.50 -25.60 35.28
N ASN D 139 -22.52 -24.39 34.71
CA ASN D 139 -21.60 -23.30 35.04
C ASN D 139 -20.14 -23.69 34.83
N PHE D 140 -19.82 -23.98 33.58
CA PHE D 140 -18.46 -24.39 33.25
C PHE D 140 -17.82 -23.40 32.28
N TYR D 141 -16.49 -23.48 32.21
CA TYR D 141 -15.70 -22.64 31.32
C TYR D 141 -14.37 -23.33 31.08
N PRO D 142 -13.89 -23.45 29.83
CA PRO D 142 -14.49 -22.90 28.62
C PRO D 142 -15.64 -23.76 28.06
N ARG D 143 -16.13 -23.37 26.89
CA ARG D 143 -17.32 -23.95 26.31
C ARG D 143 -17.13 -25.43 25.92
N GLU D 144 -15.92 -25.82 25.56
CA GLU D 144 -15.69 -27.16 25.03
C GLU D 144 -15.95 -28.22 26.10
N ALA D 145 -16.85 -29.14 25.79
CA ALA D 145 -17.16 -30.24 26.69
C ALA D 145 -17.68 -31.41 25.87
N LYS D 146 -17.39 -32.61 26.34
CA LYS D 146 -17.81 -33.84 25.67
C LYS D 146 -18.68 -34.63 26.62
N VAL D 147 -19.90 -34.94 26.19
CA VAL D 147 -20.87 -35.69 26.98
C VAL D 147 -21.16 -36.99 26.25
N GLN D 148 -20.91 -38.10 26.92
CA GLN D 148 -21.19 -39.42 26.37
C GLN D 148 -22.21 -40.13 27.22
N TRP D 149 -23.21 -40.72 26.57
CA TRP D 149 -24.20 -41.54 27.24
C TRP D 149 -23.79 -42.99 27.13
N LYS D 150 -23.90 -43.72 28.24
CA LYS D 150 -23.69 -45.15 28.25
C LYS D 150 -24.94 -45.78 28.85
N VAL D 151 -25.48 -46.79 28.18
CA VAL D 151 -26.65 -47.50 28.67
C VAL D 151 -26.25 -48.96 28.83
N ASP D 152 -26.35 -49.47 30.06
CA ASP D 152 -25.83 -50.79 30.40
C ASP D 152 -24.42 -50.96 29.88
N ASN D 153 -23.60 -49.93 30.08
CA ASN D 153 -22.19 -49.86 29.68
C ASN D 153 -22.00 -49.85 28.18
N ALA D 154 -23.06 -49.71 27.40
CA ALA D 154 -22.97 -49.59 25.95
C ALA D 154 -23.02 -48.11 25.57
N LEU D 155 -22.01 -47.67 24.83
CA LEU D 155 -21.94 -46.29 24.39
C LEU D 155 -23.04 -45.99 23.38
N GLN D 156 -23.80 -44.92 23.64
CA GLN D 156 -24.92 -44.54 22.80
C GLN D 156 -24.49 -43.63 21.67
N SER D 157 -25.24 -43.69 20.58
CA SER D 157 -24.99 -42.80 19.45
C SER D 157 -26.33 -42.49 18.79
N GLY D 158 -26.50 -41.24 18.37
CA GLY D 158 -27.64 -40.83 17.57
C GLY D 158 -28.93 -40.56 18.32
N ASN D 159 -29.05 -40.97 19.58
CA ASN D 159 -30.28 -40.80 20.35
C ASN D 159 -30.19 -39.71 21.41
N SER D 160 -29.25 -38.77 21.28
CA SER D 160 -29.18 -37.67 22.22
C SER D 160 -29.03 -36.35 21.48
N GLN D 161 -29.39 -35.27 22.16
CA GLN D 161 -29.28 -33.94 21.62
C GLN D 161 -28.82 -33.02 22.74
N GLU D 162 -27.97 -32.06 22.40
CA GLU D 162 -27.40 -31.11 23.34
C GLU D 162 -27.94 -29.71 23.05
N SER D 163 -27.99 -28.91 24.10
CA SER D 163 -28.33 -27.50 24.01
C SER D 163 -27.45 -26.73 24.98
N VAL D 164 -26.95 -25.55 24.57
CA VAL D 164 -25.98 -24.81 25.39
C VAL D 164 -26.43 -23.37 25.53
N THR D 165 -26.33 -22.83 26.74
CA THR D 165 -26.65 -21.42 26.92
C THR D 165 -25.53 -20.55 26.39
N GLU D 166 -25.86 -19.29 26.12
CA GLU D 166 -24.82 -18.30 25.90
C GLU D 166 -24.06 -18.01 27.20
N GLN D 167 -22.90 -17.37 27.04
CA GLN D 167 -22.08 -17.00 28.18
C GLN D 167 -22.88 -16.21 29.22
N ASP D 168 -22.89 -16.70 30.47
CA ASP D 168 -23.68 -16.03 31.51
C ASP D 168 -23.22 -14.59 31.68
N SER D 169 -24.19 -13.68 31.78
CA SER D 169 -23.82 -12.27 31.91
C SER D 169 -23.17 -11.97 33.26
N LYS D 170 -23.41 -12.80 34.26
CA LYS D 170 -22.83 -12.52 35.56
C LYS D 170 -21.52 -13.25 35.82
N ASP D 171 -21.37 -14.52 35.43
CA ASP D 171 -20.13 -15.22 35.74
C ASP D 171 -19.43 -15.76 34.49
N SER D 172 -19.92 -15.45 33.29
CA SER D 172 -19.25 -15.76 32.03
C SER D 172 -19.14 -17.26 31.77
N THR D 173 -19.90 -18.08 32.51
CA THR D 173 -19.85 -19.50 32.30
C THR D 173 -20.91 -19.92 31.29
N TYR D 174 -20.85 -21.20 30.93
CA TYR D 174 -21.83 -21.86 30.10
C TYR D 174 -22.51 -22.96 30.90
N SER D 175 -23.72 -23.33 30.48
CA SER D 175 -24.34 -24.55 30.94
C SER D 175 -24.85 -25.31 29.72
N LEU D 176 -24.97 -26.62 29.87
CA LEU D 176 -25.33 -27.49 28.76
C LEU D 176 -26.25 -28.59 29.28
N SER D 177 -27.29 -28.88 28.52
CA SER D 177 -28.14 -30.04 28.73
C SER D 177 -27.89 -31.03 27.61
N SER D 178 -27.78 -32.30 27.96
CA SER D 178 -27.78 -33.41 27.01
C SER D 178 -28.94 -34.30 27.37
N THR D 179 -29.84 -34.52 26.43
CA THR D 179 -31.04 -35.30 26.71
C THR D 179 -31.03 -36.56 25.87
N LEU D 180 -31.09 -37.69 26.55
CA LEU D 180 -31.20 -38.99 25.89
C LEU D 180 -32.69 -39.23 25.72
N THR D 181 -33.15 -39.22 24.47
CA THR D 181 -34.58 -39.19 24.21
C THR D 181 -34.95 -40.60 23.80
N LEU D 182 -35.40 -41.36 24.79
CA LEU D 182 -35.86 -42.72 24.59
C LEU D 182 -37.38 -42.79 24.68
N SER D 183 -37.92 -43.81 24.02
CA SER D 183 -39.27 -44.25 24.29
C SER D 183 -39.32 -44.98 25.62
N LYS D 184 -40.51 -45.05 26.20
CA LYS D 184 -40.67 -45.83 27.42
C LYS D 184 -40.25 -47.27 27.19
N ALA D 185 -40.64 -47.82 26.04
CA ALA D 185 -40.28 -49.18 25.69
C ALA D 185 -38.77 -49.35 25.65
N ASP D 186 -38.09 -48.52 24.86
CA ASP D 186 -36.62 -48.63 24.80
C ASP D 186 -35.99 -48.47 26.19
N TYR D 187 -36.52 -47.55 27.00
CA TYR D 187 -35.99 -47.31 28.36
C TYR D 187 -36.14 -48.54 29.26
N GLU D 188 -37.18 -49.34 29.03
CA GLU D 188 -37.33 -50.55 29.84
C GLU D 188 -36.45 -51.68 29.34
N LYS D 189 -35.85 -51.52 28.16
CA LYS D 189 -34.93 -52.50 27.58
C LYS D 189 -33.56 -52.52 28.25
N HIS D 190 -33.32 -51.66 29.25
CA HIS D 190 -32.02 -51.55 29.90
C HIS D 190 -32.20 -51.06 31.33
N LYS D 191 -31.12 -51.17 32.13
CA LYS D 191 -31.17 -50.84 33.55
C LYS D 191 -30.30 -49.65 33.96
N VAL D 192 -29.03 -49.60 33.56
CA VAL D 192 -28.08 -48.63 34.09
C VAL D 192 -27.91 -47.48 33.11
N TYR D 193 -28.18 -46.26 33.57
CA TYR D 193 -28.12 -45.05 32.75
C TYR D 193 -27.04 -44.11 33.27
N ALA D 194 -26.05 -43.80 32.43
CA ALA D 194 -24.87 -43.07 32.87
C ALA D 194 -24.53 -41.97 31.88
N CYS D 195 -24.24 -40.79 32.42
CA CYS D 195 -23.79 -39.63 31.67
C CYS D 195 -22.34 -39.34 32.07
N GLU D 196 -21.43 -39.33 31.10
CA GLU D 196 -20.01 -39.15 31.37
C GLU D 196 -19.50 -37.88 30.72
N VAL D 197 -18.82 -37.05 31.51
CA VAL D 197 -18.49 -35.68 31.12
C VAL D 197 -16.98 -35.50 31.09
N THR D 198 -16.46 -34.95 30.00
CA THR D 198 -15.05 -34.60 29.88
C THR D 198 -14.93 -33.10 29.75
N HIS D 199 -14.07 -32.49 30.55
CA HIS D 199 -13.89 -31.06 30.51
C HIS D 199 -12.53 -30.70 31.07
N GLN D 200 -11.94 -29.63 30.51
CA GLN D 200 -10.63 -29.17 30.92
C GLN D 200 -10.55 -28.97 32.43
N GLY D 201 -11.65 -28.58 33.05
CA GLY D 201 -11.65 -28.38 34.47
C GLY D 201 -11.68 -29.64 35.31
N LEU D 202 -11.78 -30.82 34.71
CA LEU D 202 -11.86 -32.06 35.48
C LEU D 202 -10.59 -32.87 35.27
N SER D 203 -9.97 -33.30 36.38
CA SER D 203 -8.74 -34.09 36.28
C SER D 203 -8.97 -35.39 35.52
N SER D 204 -10.16 -35.96 35.61
CA SER D 204 -10.55 -37.12 34.82
C SER D 204 -12.06 -37.05 34.64
N PRO D 205 -12.59 -37.73 33.61
CA PRO D 205 -14.03 -37.61 33.32
C PRO D 205 -14.91 -37.95 34.52
N VAL D 206 -16.01 -37.22 34.65
CA VAL D 206 -17.00 -37.40 35.71
C VAL D 206 -18.19 -38.17 35.14
N THR D 207 -18.67 -39.16 35.89
CA THR D 207 -19.83 -39.95 35.50
C THR D 207 -20.89 -39.85 36.57
N LYS D 208 -22.09 -39.46 36.18
CA LYS D 208 -23.28 -39.54 37.01
C LYS D 208 -24.20 -40.60 36.41
N SER D 209 -24.77 -41.45 37.27
CA SER D 209 -25.61 -42.54 36.79
C SER D 209 -26.68 -42.89 37.81
N PHE D 210 -27.67 -43.66 37.33
CA PHE D 210 -28.72 -44.20 38.18
C PHE D 210 -29.14 -45.55 37.60
N ASN D 211 -29.88 -46.31 38.41
CA ASN D 211 -30.48 -47.59 38.03
C ASN D 211 -31.98 -47.39 37.86
N ARG D 212 -32.53 -47.89 36.74
CA ARG D 212 -33.94 -47.65 36.42
C ARG D 212 -34.88 -48.02 37.55
N GLY D 213 -34.60 -49.09 38.28
CA GLY D 213 -35.49 -49.43 39.36
C GLY D 213 -35.43 -48.44 40.50
N GLU D 214 -34.23 -48.27 41.04
CA GLU D 214 -33.97 -47.55 42.28
C GLU D 214 -34.21 -46.04 42.23
N SER E 1 7.24 3.78 -27.46
CA SER E 1 8.03 4.07 -28.66
C SER E 1 7.24 4.98 -29.60
N GLU E 2 5.93 4.99 -29.42
CA GLU E 2 5.06 5.86 -30.20
C GLU E 2 5.03 7.30 -29.67
N VAL E 3 5.26 7.53 -28.38
CA VAL E 3 5.23 8.90 -27.87
C VAL E 3 6.52 9.60 -28.29
N GLN E 4 6.38 10.75 -28.93
CA GLN E 4 7.52 11.57 -29.32
C GLN E 4 7.23 13.03 -29.02
N LEU E 5 8.29 13.75 -28.65
CA LEU E 5 8.27 15.20 -28.44
C LEU E 5 9.50 15.78 -29.13
N VAL E 6 9.29 16.68 -30.08
CA VAL E 6 10.39 17.23 -30.88
C VAL E 6 10.45 18.74 -30.66
N GLU E 7 11.45 19.21 -29.91
CA GLU E 7 11.66 20.61 -29.65
C GLU E 7 12.41 21.26 -30.81
N SER E 8 12.10 22.53 -31.08
CA SER E 8 12.85 23.33 -32.04
C SER E 8 12.70 24.80 -31.64
N GLY E 9 13.46 25.66 -32.33
CA GLY E 9 13.37 27.09 -32.09
C GLY E 9 14.50 27.66 -31.24
N GLY E 10 15.29 26.80 -30.58
CA GLY E 10 16.40 27.29 -29.79
C GLY E 10 17.43 28.02 -30.64
N GLY E 11 18.28 28.79 -29.98
CA GLY E 11 19.29 29.51 -30.71
C GLY E 11 19.95 30.56 -29.83
N LEU E 12 20.66 31.46 -30.49
CA LEU E 12 21.46 32.48 -29.85
C LEU E 12 20.74 33.81 -29.96
N VAL E 13 20.59 34.52 -28.84
CA VAL E 13 19.91 35.80 -28.87
C VAL E 13 20.61 36.77 -27.92
N GLN E 14 20.47 38.04 -28.21
CA GLN E 14 21.04 39.05 -27.35
C GLN E 14 20.13 39.31 -26.16
N PRO E 15 20.68 39.80 -25.06
CA PRO E 15 19.84 40.19 -23.92
C PRO E 15 18.77 41.18 -24.35
N GLY E 16 17.56 40.99 -23.85
CA GLY E 16 16.45 41.80 -24.32
C GLY E 16 15.70 41.18 -25.46
N GLY E 17 16.26 40.15 -26.09
CA GLY E 17 15.69 39.56 -27.29
C GLY E 17 14.62 38.52 -27.00
N SER E 18 14.08 37.96 -28.09
CA SER E 18 12.99 37.00 -28.02
C SER E 18 13.35 35.75 -28.82
N LEU E 19 12.75 34.64 -28.40
CA LEU E 19 12.76 33.38 -29.10
C LEU E 19 11.42 32.70 -28.89
N ARG E 20 10.98 31.94 -29.88
CA ARG E 20 9.81 31.08 -29.75
C ARG E 20 10.24 29.63 -29.87
N LEU E 21 10.01 28.85 -28.81
CA LEU E 21 10.26 27.42 -28.85
C LEU E 21 9.00 26.67 -29.25
N SER E 22 9.19 25.56 -29.95
CA SER E 22 8.11 24.68 -30.39
C SER E 22 8.36 23.28 -29.89
N CYS E 23 7.28 22.60 -29.51
CA CYS E 23 7.36 21.21 -29.07
C CYS E 23 6.29 20.43 -29.84
N ALA E 24 6.71 19.71 -30.87
CA ALA E 24 5.80 18.95 -31.73
C ALA E 24 5.62 17.54 -31.17
N ALA E 25 4.39 17.20 -30.80
CA ALA E 25 4.08 15.92 -30.18
C ALA E 25 3.44 14.96 -31.17
N SER E 26 3.81 13.67 -31.06
CA SER E 26 3.08 12.58 -31.72
C SER E 26 2.92 11.41 -30.76
N GLY E 27 1.99 10.52 -31.06
CA GLY E 27 1.75 9.36 -30.25
C GLY E 27 0.72 9.56 -29.16
N PHE E 28 0.23 10.79 -28.99
CA PHE E 28 -0.77 11.10 -27.98
C PHE E 28 -1.38 12.44 -28.35
N SER E 29 -2.54 12.74 -27.76
CA SER E 29 -3.22 14.02 -27.98
C SER E 29 -2.82 15.05 -26.91
N LEU E 30 -2.47 16.27 -27.35
CA LEU E 30 -2.16 17.30 -26.35
C LEU E 30 -3.32 17.55 -25.39
N SER E 31 -4.55 17.35 -25.84
CA SER E 31 -5.68 17.57 -24.95
C SER E 31 -5.86 16.47 -23.92
N SER E 32 -5.06 15.42 -23.98
CA SER E 32 -5.03 14.41 -22.93
C SER E 32 -3.70 14.45 -22.20
N SER E 33 -3.20 15.66 -21.93
CA SER E 33 -1.91 15.80 -21.30
C SER E 33 -1.73 17.16 -20.65
N SER E 34 -0.72 17.24 -19.79
CA SER E 34 -0.17 18.49 -19.33
C SER E 34 1.20 18.62 -19.97
N MET E 35 1.44 19.72 -20.66
CA MET E 35 2.71 19.95 -21.34
C MET E 35 3.54 20.95 -20.54
N HIS E 36 4.85 20.74 -20.51
CA HIS E 36 5.73 21.51 -19.64
C HIS E 36 6.98 21.92 -20.39
N TRP E 37 7.60 22.98 -19.94
CA TRP E 37 8.98 23.33 -20.29
C TRP E 37 9.83 23.33 -19.02
N VAL E 38 10.92 22.58 -19.06
CA VAL E 38 11.86 22.48 -17.95
C VAL E 38 13.24 22.74 -18.55
N ARG E 39 14.03 23.58 -17.89
CA ARG E 39 15.31 23.95 -18.47
C ARG E 39 16.45 23.49 -17.57
N GLN E 40 17.64 23.41 -18.17
CA GLN E 40 18.81 22.88 -17.47
C GLN E 40 19.99 23.72 -17.92
N ALA E 41 20.41 24.63 -17.05
CA ALA E 41 21.58 25.46 -17.34
C ALA E 41 22.82 24.57 -17.41
N PRO E 42 23.83 24.97 -18.17
CA PRO E 42 25.01 24.11 -18.37
C PRO E 42 25.64 23.67 -17.06
N GLY E 43 25.76 22.36 -16.86
CA GLY E 43 26.28 21.82 -15.62
C GLY E 43 25.42 22.01 -14.38
N LYS E 44 24.13 22.31 -14.54
CA LYS E 44 23.28 22.49 -13.37
C LYS E 44 22.11 21.52 -13.43
N GLY E 45 21.14 21.70 -12.52
CA GLY E 45 19.99 20.81 -12.38
C GLY E 45 18.81 21.22 -13.25
N LEU E 46 17.64 20.69 -12.92
CA LEU E 46 16.43 20.92 -13.71
C LEU E 46 15.58 21.99 -13.05
N GLU E 47 15.12 22.95 -13.83
CA GLU E 47 14.30 24.04 -13.30
C GLU E 47 13.01 24.09 -14.10
N TRP E 48 11.88 23.91 -13.43
CA TRP E 48 10.60 24.04 -14.12
C TRP E 48 10.38 25.49 -14.55
N VAL E 49 9.86 25.65 -15.76
CA VAL E 49 9.66 26.96 -16.37
C VAL E 49 8.17 27.29 -16.50
N ALA E 50 7.38 26.39 -17.08
CA ALA E 50 5.98 26.66 -17.38
C ALA E 50 5.25 25.35 -17.69
N SER E 51 3.95 25.34 -17.37
CA SER E 51 3.10 24.20 -17.68
C SER E 51 1.80 24.66 -18.31
N ILE E 52 1.20 23.81 -19.17
CA ILE E 52 -0.08 24.13 -19.77
C ILE E 52 -0.92 22.87 -19.91
N SER E 53 -2.22 23.02 -19.69
CA SER E 53 -3.20 21.98 -19.99
C SER E 53 -3.94 22.41 -21.25
N PRO E 54 -3.66 21.83 -22.43
CA PRO E 54 -4.35 22.31 -23.64
C PRO E 54 -5.85 22.09 -23.60
N TYR E 55 -6.33 21.10 -22.85
CA TYR E 55 -7.76 20.89 -22.78
C TYR E 55 -8.48 22.10 -22.21
N SER E 56 -7.94 22.68 -21.14
CA SER E 56 -8.58 23.79 -20.45
C SER E 56 -7.97 25.15 -20.77
N GLY E 57 -6.78 25.18 -21.35
CA GLY E 57 -6.07 26.42 -21.51
C GLY E 57 -5.37 26.93 -20.26
N SER E 58 -5.49 26.24 -19.14
CA SER E 58 -4.84 26.70 -17.91
C SER E 58 -3.31 26.65 -18.04
N THR E 59 -2.65 27.67 -17.49
CA THR E 59 -1.19 27.78 -17.55
C THR E 59 -0.62 28.11 -16.18
N SER E 60 0.66 27.78 -15.98
CA SER E 60 1.35 28.26 -14.80
C SER E 60 2.80 28.51 -15.17
N TYR E 61 3.47 29.34 -14.37
CA TYR E 61 4.79 29.87 -14.70
C TYR E 61 5.67 29.96 -13.47
N ALA E 62 6.95 29.70 -13.66
CA ALA E 62 7.91 30.02 -12.61
C ALA E 62 7.94 31.54 -12.40
N ASP E 63 8.07 31.95 -11.13
CA ASP E 63 8.03 33.39 -10.81
C ASP E 63 8.98 34.19 -11.69
N SER E 64 10.17 33.66 -11.96
CA SER E 64 11.21 34.42 -12.63
C SER E 64 10.97 34.60 -14.13
N VAL E 65 9.93 33.99 -14.69
CA VAL E 65 9.60 34.19 -16.09
C VAL E 65 8.24 34.82 -16.30
N LYS E 66 7.46 35.02 -15.23
CA LYS E 66 6.14 35.62 -15.35
C LYS E 66 6.24 36.97 -16.03
N GLY E 67 5.37 37.18 -17.02
CA GLY E 67 5.33 38.39 -17.80
C GLY E 67 6.25 38.38 -19.01
N ARG E 68 7.34 37.62 -18.95
CA ARG E 68 8.31 37.51 -20.03
C ARG E 68 7.98 36.37 -20.97
N PHE E 69 7.59 35.23 -20.41
CA PHE E 69 7.41 33.98 -21.13
C PHE E 69 5.93 33.68 -21.22
N THR E 70 5.50 33.12 -22.35
CA THR E 70 4.11 32.71 -22.52
C THR E 70 4.11 31.30 -23.09
N ILE E 71 3.41 30.38 -22.42
CA ILE E 71 3.25 29.02 -22.90
C ILE E 71 1.89 28.91 -23.57
N SER E 72 1.82 28.20 -24.69
CA SER E 72 0.59 28.10 -25.43
C SER E 72 0.58 26.76 -26.14
N ALA E 73 -0.56 26.43 -26.73
CA ALA E 73 -0.70 25.15 -27.41
C ALA E 73 -1.64 25.33 -28.60
N ASP E 74 -1.33 24.63 -29.68
CA ASP E 74 -2.18 24.56 -30.85
C ASP E 74 -2.58 23.10 -30.99
N THR E 75 -3.80 22.77 -30.54
CA THR E 75 -4.23 21.38 -30.60
C THR E 75 -4.43 20.91 -32.04
N SER E 76 -4.71 21.81 -32.97
CA SER E 76 -4.82 21.38 -34.35
C SER E 76 -3.47 20.93 -34.91
N LYS E 77 -2.36 21.38 -34.33
CA LYS E 77 -1.03 20.95 -34.73
C LYS E 77 -0.39 20.00 -33.73
N ASN E 78 -1.07 19.69 -32.63
CA ASN E 78 -0.49 18.90 -31.54
C ASN E 78 0.89 19.43 -31.14
N THR E 79 1.00 20.73 -31.02
CA THR E 79 2.26 21.38 -30.73
C THR E 79 2.06 22.37 -29.59
N ALA E 80 3.02 22.40 -28.68
CA ALA E 80 3.06 23.39 -27.62
C ALA E 80 4.20 24.35 -27.92
N TYR E 81 4.09 25.56 -27.37
CA TYR E 81 5.05 26.62 -27.65
C TYR E 81 5.45 27.31 -26.36
N LEU E 82 6.64 27.87 -26.36
CA LEU E 82 7.09 28.78 -25.31
C LEU E 82 7.63 30.02 -26.01
N GLN E 83 6.90 31.13 -25.86
CA GLN E 83 7.34 32.42 -26.36
C GLN E 83 8.15 33.08 -25.26
N MET E 84 9.41 33.37 -25.54
CA MET E 84 10.32 33.90 -24.53
C MET E 84 10.71 35.30 -24.96
N ASN E 85 10.30 36.30 -24.17
CA ASN E 85 10.64 37.70 -24.35
C ASN E 85 11.59 38.17 -23.25
N SER E 86 12.22 39.33 -23.48
CA SER E 86 13.14 39.93 -22.51
C SER E 86 14.13 38.89 -21.96
N LEU E 87 14.76 38.14 -22.86
CA LEU E 87 15.69 37.11 -22.46
C LEU E 87 16.95 37.72 -21.85
N ARG E 88 17.54 36.99 -20.93
CA ARG E 88 18.78 37.46 -20.30
C ARG E 88 19.74 36.29 -20.18
N ALA E 89 21.01 36.62 -19.86
CA ALA E 89 22.07 35.62 -19.83
C ALA E 89 21.71 34.44 -18.95
N GLU E 90 21.08 34.70 -17.80
CA GLU E 90 20.74 33.61 -16.90
C GLU E 90 19.66 32.67 -17.43
N ASP E 91 19.01 33.00 -18.56
CA ASP E 91 18.10 32.05 -19.20
C ASP E 91 18.81 31.04 -20.09
N THR E 92 20.13 31.18 -20.27
CA THR E 92 20.88 30.23 -21.09
C THR E 92 20.75 28.83 -20.51
N ALA E 93 20.28 27.88 -21.32
CA ALA E 93 19.97 26.54 -20.85
C ALA E 93 19.52 25.68 -22.02
N VAL E 94 19.59 24.37 -21.83
CA VAL E 94 18.83 23.43 -22.65
C VAL E 94 17.39 23.47 -22.17
N TYR E 95 16.46 23.69 -23.09
CA TYR E 95 15.04 23.71 -22.75
C TYR E 95 14.41 22.41 -23.20
N TYR E 96 13.90 21.64 -22.24
CA TYR E 96 13.18 20.41 -22.53
C TYR E 96 11.69 20.65 -22.51
N CYS E 97 11.01 19.96 -23.41
CA CYS E 97 9.55 19.97 -23.45
C CYS E 97 9.21 18.60 -22.88
N ALA E 98 8.19 18.54 -22.02
CA ALA E 98 7.82 17.30 -21.38
C ALA E 98 6.31 17.19 -21.24
N ARG E 99 5.85 15.96 -21.05
CA ARG E 99 4.44 15.64 -20.98
C ARG E 99 4.12 14.89 -19.70
N THR E 100 2.96 15.21 -19.13
CA THR E 100 2.27 14.39 -18.16
C THR E 100 0.99 13.89 -18.79
N LYS E 101 0.79 12.58 -18.80
CA LYS E 101 -0.42 12.00 -19.36
C LYS E 101 -1.61 12.28 -18.45
N TYR E 102 -2.71 12.68 -19.06
CA TYR E 102 -3.96 12.83 -18.32
C TYR E 102 -4.59 11.46 -18.06
N HIS E 103 -5.10 11.29 -16.84
CA HIS E 103 -5.84 10.08 -16.47
C HIS E 103 -7.14 10.56 -15.84
N TYR E 104 -8.26 10.33 -16.53
CA TYR E 104 -9.54 10.85 -16.06
C TYR E 104 -9.93 10.25 -14.74
N LYS E 105 -9.42 9.05 -14.44
CA LYS E 105 -9.69 8.39 -13.18
C LYS E 105 -8.89 8.98 -12.01
N ASN E 106 -7.81 9.70 -12.30
CA ASN E 106 -7.01 10.27 -11.23
C ASN E 106 -7.65 11.60 -10.80
N TYR E 107 -6.99 12.31 -9.87
CA TYR E 107 -7.55 13.55 -9.36
C TYR E 107 -6.59 14.73 -9.39
N TYR E 108 -5.38 14.54 -9.88
CA TYR E 108 -4.45 15.63 -10.05
C TYR E 108 -3.35 15.14 -10.97
N TRP E 109 -2.62 16.07 -11.53
CA TRP E 109 -1.49 15.73 -12.37
C TRP E 109 -0.36 15.09 -11.57
N TRP E 110 0.27 14.07 -12.13
CA TRP E 110 1.33 13.32 -11.47
C TRP E 110 2.69 13.78 -11.99
N ALA E 111 3.62 12.89 -12.36
CA ALA E 111 5.00 13.27 -12.64
C ALA E 111 5.16 13.64 -14.11
N LEU E 112 6.39 13.96 -14.52
CA LEU E 112 6.67 14.28 -15.92
C LEU E 112 7.08 12.99 -16.63
N ASP E 113 6.14 12.35 -17.32
CA ASP E 113 6.41 10.96 -17.70
C ASP E 113 7.13 10.81 -19.04
N TYR E 114 7.29 11.87 -19.83
CA TYR E 114 8.06 11.75 -21.06
C TYR E 114 8.68 13.10 -21.40
N TRP E 115 9.94 13.08 -21.80
CA TRP E 115 10.71 14.29 -22.06
C TRP E 115 11.26 14.25 -23.47
N GLY E 116 11.21 15.39 -24.18
CA GLY E 116 11.83 15.53 -25.49
C GLY E 116 13.34 15.65 -25.39
N GLN E 117 13.97 15.80 -26.55
CA GLN E 117 15.43 15.82 -26.60
C GLN E 117 16.03 17.15 -26.16
N GLY E 118 15.26 18.21 -26.13
CA GLY E 118 15.81 19.47 -25.65
C GLY E 118 16.28 20.35 -26.79
N THR E 119 16.21 21.66 -26.59
CA THR E 119 16.74 22.61 -27.56
C THR E 119 17.56 23.66 -26.80
N LEU E 120 18.70 24.03 -27.37
CA LEU E 120 19.64 24.90 -26.67
C LEU E 120 19.33 26.37 -26.93
N VAL E 121 19.24 27.14 -25.84
CA VAL E 121 19.01 28.58 -25.89
C VAL E 121 20.21 29.27 -25.26
N THR E 122 20.86 30.16 -26.01
CA THR E 122 22.01 30.91 -25.51
C THR E 122 21.72 32.42 -25.58
N VAL E 123 21.83 33.11 -24.44
CA VAL E 123 21.57 34.54 -24.38
C VAL E 123 22.87 35.23 -24.01
N SER E 124 23.38 36.05 -24.93
CA SER E 124 24.67 36.68 -24.71
C SER E 124 24.76 37.92 -25.60
N SER E 125 25.45 38.94 -25.10
CA SER E 125 25.78 40.09 -25.93
C SER E 125 27.12 39.94 -26.63
N ALA E 126 27.81 38.82 -26.41
CA ALA E 126 29.10 38.63 -27.04
C ALA E 126 28.96 38.53 -28.55
N SER E 127 30.00 38.94 -29.27
CA SER E 127 30.02 38.81 -30.72
C SER E 127 30.75 37.54 -31.11
N THR E 128 30.30 36.92 -32.19
CA THR E 128 30.95 35.70 -32.68
C THR E 128 32.42 35.96 -32.92
N LYS E 129 33.27 35.08 -32.38
CA LYS E 129 34.70 35.27 -32.46
C LYS E 129 35.39 33.91 -32.45
N GLY E 130 36.31 33.69 -33.39
CA GLY E 130 37.09 32.48 -33.40
C GLY E 130 38.13 32.51 -32.30
N PRO E 131 38.60 31.33 -31.90
CA PRO E 131 39.55 31.27 -30.78
C PRO E 131 40.94 31.73 -31.20
N SER E 132 41.68 32.23 -30.21
CA SER E 132 43.13 32.32 -30.30
C SER E 132 43.68 31.03 -29.71
N VAL E 133 44.62 30.40 -30.42
CA VAL E 133 45.15 29.10 -30.05
C VAL E 133 46.61 29.25 -29.68
N PHE E 134 46.95 28.92 -28.44
CA PHE E 134 48.32 29.07 -27.98
C PHE E 134 48.90 27.72 -27.54
N PRO E 135 50.19 27.48 -27.78
CA PRO E 135 50.76 26.19 -27.39
C PRO E 135 50.91 26.08 -25.88
N LEU E 136 50.73 24.85 -25.39
CA LEU E 136 51.09 24.44 -24.04
C LEU E 136 52.29 23.53 -24.22
N ALA E 137 53.49 24.12 -24.10
CA ALA E 137 54.65 23.41 -24.59
C ALA E 137 55.27 22.53 -23.52
N PRO E 138 55.77 21.36 -23.91
CA PRO E 138 56.60 20.57 -22.99
C PRO E 138 58.00 21.17 -22.89
N SER E 139 58.55 21.16 -21.68
CA SER E 139 59.95 21.52 -21.45
C SER E 139 60.70 20.29 -20.93
N SER E 140 62.04 20.32 -21.06
CA SER E 140 62.86 19.22 -20.58
C SER E 140 62.69 19.03 -19.07
N LYS E 141 62.31 20.09 -18.38
CA LYS E 141 62.06 20.05 -16.94
C LYS E 141 60.97 19.02 -16.58
N SER E 142 59.86 19.03 -17.31
CA SER E 142 58.63 18.40 -16.83
C SER E 142 58.36 17.00 -17.36
N THR E 143 59.40 16.16 -17.53
CA THR E 143 59.19 14.79 -17.95
C THR E 143 59.00 13.92 -16.72
N SER E 144 57.84 13.27 -16.61
CA SER E 144 57.50 12.43 -15.47
C SER E 144 57.42 10.98 -15.90
N GLY E 145 58.42 10.18 -15.53
CA GLY E 145 58.38 8.76 -15.81
C GLY E 145 58.23 8.44 -17.28
N GLY E 146 59.11 9.01 -18.11
CA GLY E 146 59.04 8.77 -19.53
C GLY E 146 57.87 9.41 -20.26
N THR E 147 57.09 10.25 -19.57
CA THR E 147 55.88 10.86 -20.12
C THR E 147 56.01 12.38 -20.17
N ALA E 148 55.72 12.96 -21.33
CA ALA E 148 55.61 14.40 -21.50
C ALA E 148 54.15 14.78 -21.68
N ALA E 149 53.82 16.00 -21.25
CA ALA E 149 52.50 16.58 -21.48
C ALA E 149 52.62 17.82 -22.34
N LEU E 150 51.71 17.96 -23.28
CA LEU E 150 51.67 19.15 -24.10
C LEU E 150 50.21 19.42 -24.44
N GLY E 151 49.96 20.57 -25.04
CA GLY E 151 48.59 20.88 -25.35
C GLY E 151 48.45 22.19 -26.09
N CYS E 152 47.19 22.59 -26.20
CA CYS E 152 46.80 23.82 -26.85
C CYS E 152 45.78 24.53 -25.96
N LEU E 153 46.01 25.82 -25.74
CA LEU E 153 45.05 26.66 -25.05
C LEU E 153 44.19 27.37 -26.09
N VAL E 154 42.88 27.10 -26.04
CA VAL E 154 41.92 27.57 -27.03
C VAL E 154 41.09 28.66 -26.36
N LYS E 155 41.46 29.91 -26.58
CA LYS E 155 41.04 31.01 -25.70
C LYS E 155 40.17 32.03 -26.42
N ASP E 156 39.16 32.52 -25.71
CA ASP E 156 38.43 33.71 -26.11
C ASP E 156 37.68 33.52 -27.42
N TYR E 157 36.83 32.49 -27.47
CA TYR E 157 35.96 32.28 -28.61
C TYR E 157 34.50 32.41 -28.17
N PHE E 158 33.62 32.57 -29.15
CA PHE E 158 32.19 32.62 -28.88
C PHE E 158 31.44 32.39 -30.18
N PRO E 159 30.40 31.56 -30.14
CA PRO E 159 30.12 30.85 -28.88
C PRO E 159 30.69 29.53 -28.88
N GLU E 160 30.01 28.71 -28.10
CA GLU E 160 30.32 27.29 -28.16
C GLU E 160 29.75 26.71 -29.44
N PRO E 161 30.29 25.58 -29.94
CA PRO E 161 31.42 24.80 -29.42
C PRO E 161 32.70 24.92 -30.25
N VAL E 162 33.82 24.48 -29.67
CA VAL E 162 35.01 24.18 -30.44
C VAL E 162 35.25 22.68 -30.37
N THR E 163 35.73 22.09 -31.55
CA THR E 163 36.26 20.74 -31.53
C THR E 163 37.76 20.81 -31.71
N VAL E 164 38.47 19.89 -31.05
CA VAL E 164 39.92 19.79 -31.12
C VAL E 164 40.26 18.35 -31.42
N SER E 165 41.09 18.14 -32.43
CA SER E 165 41.74 16.87 -32.65
C SER E 165 43.25 17.08 -32.61
N TRP E 166 43.97 15.97 -32.64
CA TRP E 166 45.42 16.02 -32.64
C TRP E 166 45.92 15.24 -33.83
N ASN E 167 46.87 15.83 -34.57
CA ASN E 167 47.46 15.22 -35.76
C ASN E 167 46.37 14.73 -36.71
N SER E 168 45.37 15.60 -36.91
CA SER E 168 44.26 15.32 -37.82
C SER E 168 43.54 14.04 -37.47
N GLY E 169 43.45 13.72 -36.18
CA GLY E 169 42.80 12.51 -35.73
C GLY E 169 43.70 11.30 -35.62
N ALA E 170 44.96 11.37 -36.05
CA ALA E 170 45.85 10.24 -35.88
C ALA E 170 46.27 10.03 -34.43
N LEU E 171 46.09 11.01 -33.55
CA LEU E 171 46.51 10.90 -32.16
C LEU E 171 45.28 11.04 -31.27
N THR E 172 44.92 9.95 -30.60
CA THR E 172 43.69 9.92 -29.81
C THR E 172 43.94 9.42 -28.39
N SER E 173 44.94 8.55 -28.23
CA SER E 173 45.24 8.02 -26.90
C SER E 173 45.91 9.08 -26.05
N GLY E 174 45.44 9.23 -24.81
CA GLY E 174 45.98 10.20 -23.89
C GLY E 174 45.50 11.62 -24.08
N VAL E 175 44.57 11.86 -25.00
CA VAL E 175 44.04 13.20 -25.25
C VAL E 175 42.96 13.51 -24.23
N HIS E 176 43.01 14.71 -23.63
CA HIS E 176 41.92 15.22 -22.79
C HIS E 176 41.60 16.64 -23.23
N THR E 177 40.40 16.86 -23.74
CA THR E 177 39.92 18.19 -24.07
C THR E 177 38.91 18.61 -23.00
N PHE E 178 39.25 19.63 -22.28
CA PHE E 178 38.48 19.98 -21.10
C PHE E 178 37.19 20.70 -21.48
N PRO E 179 36.16 20.60 -20.64
CA PRO E 179 34.96 21.43 -20.85
C PRO E 179 35.36 22.89 -20.86
N ALA E 180 34.68 23.64 -21.73
CA ALA E 180 34.88 25.08 -21.79
C ALA E 180 34.40 25.75 -20.50
N VAL E 181 35.06 26.83 -20.14
CA VAL E 181 34.59 27.69 -19.06
C VAL E 181 34.17 29.03 -19.67
N LEU E 182 33.05 29.57 -19.17
CA LEU E 182 32.61 30.91 -19.57
C LEU E 182 33.38 31.93 -18.75
N GLN E 183 34.23 32.70 -19.40
CA GLN E 183 35.00 33.73 -18.73
C GLN E 183 34.12 34.94 -18.44
N SER E 184 34.60 35.81 -17.55
CA SER E 184 33.81 36.97 -17.18
C SER E 184 33.63 37.94 -18.33
N SER E 185 34.51 37.88 -19.33
CA SER E 185 34.34 38.65 -20.56
C SER E 185 33.14 38.19 -21.38
N GLY E 186 32.52 37.06 -21.05
CA GLY E 186 31.51 36.49 -21.89
C GLY E 186 32.03 35.61 -23.01
N LEU E 187 33.34 35.46 -23.15
CA LEU E 187 33.95 34.53 -24.10
C LEU E 187 34.34 33.22 -23.41
N TYR E 188 34.43 32.16 -24.20
CA TYR E 188 34.76 30.83 -23.69
C TYR E 188 36.23 30.55 -23.87
N SER E 189 36.73 29.60 -23.08
CA SER E 189 38.12 29.17 -23.15
C SER E 189 38.21 27.71 -22.70
N LEU E 190 39.10 26.96 -23.34
CA LEU E 190 39.38 25.59 -22.92
C LEU E 190 40.78 25.22 -23.34
N SER E 191 41.29 24.15 -22.73
CA SER E 191 42.55 23.56 -23.12
C SER E 191 42.31 22.13 -23.57
N SER E 192 43.11 21.68 -24.53
CA SER E 192 43.20 20.28 -24.90
C SER E 192 44.64 19.85 -24.70
N VAL E 193 44.84 18.72 -24.03
CA VAL E 193 46.18 18.25 -23.70
C VAL E 193 46.32 16.80 -24.14
N VAL E 194 47.57 16.37 -24.27
CA VAL E 194 47.86 14.97 -24.53
C VAL E 194 49.19 14.66 -23.86
N THR E 195 49.30 13.45 -23.33
CA THR E 195 50.56 12.94 -22.82
C THR E 195 51.12 11.98 -23.84
N VAL E 196 52.43 12.08 -24.07
CA VAL E 196 53.14 11.30 -25.08
C VAL E 196 54.47 10.89 -24.49
N PRO E 197 55.18 9.94 -25.09
CA PRO E 197 56.53 9.62 -24.62
C PRO E 197 57.47 10.80 -24.80
N SER E 198 58.24 11.11 -23.75
CA SER E 198 59.19 12.21 -23.81
C SER E 198 60.30 11.96 -24.81
N SER E 199 60.75 10.71 -24.96
CA SER E 199 61.79 10.43 -25.94
C SER E 199 61.35 10.75 -27.36
N SER E 200 60.04 10.83 -27.60
CA SER E 200 59.52 11.07 -28.94
C SER E 200 59.63 12.51 -29.38
N LEU E 201 59.91 13.45 -28.46
CA LEU E 201 59.67 14.86 -28.74
C LEU E 201 60.50 15.36 -29.93
N GLY E 202 61.70 14.84 -30.11
CA GLY E 202 62.53 15.29 -31.21
C GLY E 202 62.11 14.72 -32.56
N THR E 203 61.46 13.57 -32.57
CA THR E 203 61.17 12.85 -33.81
C THR E 203 59.68 12.74 -34.14
N GLN E 204 58.80 13.32 -33.33
CA GLN E 204 57.36 13.37 -33.59
C GLN E 204 56.90 14.81 -33.69
N THR E 205 55.89 15.03 -34.52
CA THR E 205 55.25 16.33 -34.64
C THR E 205 53.87 16.25 -34.01
N TYR E 206 53.55 17.22 -33.17
CA TYR E 206 52.27 17.28 -32.48
C TYR E 206 51.55 18.57 -32.88
N ILE E 207 50.39 18.44 -33.51
CA ILE E 207 49.58 19.54 -33.99
C ILE E 207 48.18 19.40 -33.44
N CYS E 208 47.66 20.48 -32.85
CA CYS E 208 46.26 20.47 -32.47
C CYS E 208 45.47 21.12 -33.60
N ASN E 209 44.34 20.52 -33.94
CA ASN E 209 43.47 21.01 -35.00
C ASN E 209 42.20 21.53 -34.32
N VAL E 210 42.01 22.84 -34.34
CA VAL E 210 40.91 23.49 -33.64
C VAL E 210 39.88 23.97 -34.66
N ASN E 211 38.64 23.51 -34.52
CA ASN E 211 37.54 23.91 -35.40
C ASN E 211 36.50 24.67 -34.60
N HIS E 212 36.07 25.80 -35.14
CA HIS E 212 35.01 26.62 -34.55
C HIS E 212 34.07 26.95 -35.70
N LYS E 213 33.05 26.10 -35.88
CA LYS E 213 32.11 26.26 -36.99
C LYS E 213 31.45 27.64 -37.00
N PRO E 214 30.96 28.20 -35.89
CA PRO E 214 30.30 29.52 -35.96
C PRO E 214 31.13 30.62 -36.59
N SER E 215 32.45 30.58 -36.45
CA SER E 215 33.29 31.57 -37.11
C SER E 215 33.89 31.01 -38.37
N ASN E 216 33.55 29.76 -38.72
CA ASN E 216 34.10 29.09 -39.89
C ASN E 216 35.63 29.02 -39.84
N THR E 217 36.19 28.83 -38.65
CA THR E 217 37.63 28.78 -38.48
C THR E 217 38.11 27.35 -38.27
N LYS E 218 39.19 27.01 -38.94
CA LYS E 218 39.98 25.82 -38.64
C LYS E 218 41.42 26.29 -38.51
N VAL E 219 42.04 25.99 -37.39
CA VAL E 219 43.39 26.45 -37.07
C VAL E 219 44.20 25.23 -36.68
N ASP E 220 45.37 25.08 -37.28
CA ASP E 220 46.31 24.03 -36.89
C ASP E 220 47.50 24.70 -36.22
N LYS E 221 47.87 24.20 -35.05
CA LYS E 221 48.98 24.78 -34.30
C LYS E 221 50.00 23.70 -33.98
N LYS E 222 51.21 23.86 -34.51
CA LYS E 222 52.31 22.99 -34.14
C LYS E 222 52.76 23.30 -32.72
N VAL E 223 52.79 22.29 -31.86
CA VAL E 223 53.25 22.45 -30.50
C VAL E 223 54.61 21.79 -30.40
N GLU E 224 55.65 22.57 -30.16
CA GLU E 224 56.96 21.93 -30.05
C GLU E 224 57.68 22.39 -28.80
N PRO E 225 58.59 21.57 -28.28
CA PRO E 225 59.27 21.92 -27.03
C PRO E 225 60.13 23.16 -27.21
N LYS E 226 60.23 23.93 -26.13
CA LYS E 226 61.23 24.99 -26.09
C LYS E 226 62.54 24.42 -25.58
N SER E 227 63.63 24.83 -26.20
CA SER E 227 64.97 24.37 -25.83
C SER E 227 65.73 25.48 -25.11
N CYS E 228 66.56 25.06 -24.15
CA CYS E 228 67.39 25.94 -23.31
C CYS E 228 66.52 26.80 -22.40
N SER F 1 4.82 29.97 -0.91
CA SER F 1 5.82 29.25 -0.12
C SER F 1 6.08 27.88 -0.73
N ASP F 2 7.23 27.77 -1.36
CA ASP F 2 7.57 26.58 -2.12
C ASP F 2 8.15 25.51 -1.22
N ILE F 3 8.15 24.27 -1.68
CA ILE F 3 8.80 23.18 -0.95
C ILE F 3 10.12 22.90 -1.65
N GLN F 4 11.21 22.93 -0.89
CA GLN F 4 12.53 22.64 -1.42
C GLN F 4 12.79 21.14 -1.31
N MET F 5 13.61 20.64 -2.24
CA MET F 5 14.03 19.25 -2.28
C MET F 5 15.56 19.24 -2.26
N THR F 6 16.14 18.61 -1.24
CA THR F 6 17.59 18.64 -1.05
C THR F 6 18.16 17.24 -1.21
N GLN F 7 19.02 17.06 -2.21
CA GLN F 7 19.59 15.77 -2.50
C GLN F 7 21.02 15.68 -2.00
N SER F 8 21.34 14.53 -1.40
CA SER F 8 22.69 14.21 -0.97
C SER F 8 22.94 12.73 -1.23
N PRO F 9 24.19 12.35 -1.52
CA PRO F 9 25.32 13.26 -1.73
C PRO F 9 25.27 13.79 -3.15
N SER F 10 26.08 14.80 -3.47
CA SER F 10 26.09 15.32 -4.84
C SER F 10 26.59 14.27 -5.82
N SER F 11 27.44 13.36 -5.37
CA SER F 11 27.85 12.23 -6.20
C SER F 11 28.29 11.09 -5.30
N LEU F 12 28.30 9.89 -5.88
CA LEU F 12 28.81 8.74 -5.16
C LEU F 12 29.41 7.78 -6.17
N SER F 13 30.40 7.01 -5.73
CA SER F 13 31.06 6.02 -6.56
C SER F 13 30.62 4.63 -6.15
N ALA F 14 30.40 3.77 -7.14
CA ALA F 14 29.96 2.42 -6.87
C ALA F 14 30.45 1.53 -8.00
N SER F 15 30.34 0.21 -7.78
CA SER F 15 30.72 -0.78 -8.78
C SER F 15 29.50 -1.59 -9.20
N VAL F 16 29.60 -2.15 -10.40
CA VAL F 16 28.55 -3.04 -10.90
C VAL F 16 28.27 -4.10 -9.84
N GLY F 17 26.99 -4.30 -9.54
CA GLY F 17 26.58 -5.25 -8.54
C GLY F 17 26.32 -4.67 -7.17
N ASP F 18 26.81 -3.45 -6.88
CA ASP F 18 26.58 -2.84 -5.57
C ASP F 18 25.12 -2.47 -5.38
N ARG F 19 24.70 -2.43 -4.12
CA ARG F 19 23.44 -1.80 -3.75
C ARG F 19 23.69 -0.31 -3.55
N VAL F 20 22.92 0.52 -4.24
CA VAL F 20 23.11 1.97 -4.22
C VAL F 20 21.84 2.61 -3.66
N THR F 21 22.00 3.55 -2.73
CA THR F 21 20.85 4.28 -2.23
C THR F 21 21.12 5.77 -2.37
N ILE F 22 20.13 6.49 -2.87
CA ILE F 22 20.19 7.92 -3.09
C ILE F 22 19.05 8.55 -2.32
N THR F 23 19.35 9.64 -1.63
CA THR F 23 18.39 10.20 -0.71
C THR F 23 18.04 11.63 -1.09
N CYS F 24 16.85 12.04 -0.67
CA CYS F 24 16.34 13.37 -0.94
C CYS F 24 15.41 13.76 0.18
N ARG F 25 15.60 14.97 0.69
CA ARG F 25 14.79 15.45 1.80
C ARG F 25 13.95 16.64 1.37
N ALA F 26 12.65 16.56 1.63
CA ALA F 26 11.75 17.67 1.38
C ALA F 26 11.80 18.63 2.55
N SER F 27 11.75 19.93 2.27
CA SER F 27 11.80 20.90 3.36
C SER F 27 10.59 20.82 4.28
N GLN F 28 9.49 20.21 3.84
CA GLN F 28 8.32 19.95 4.68
C GLN F 28 7.57 18.80 3.99
N SER F 29 6.49 18.35 4.61
CA SER F 29 5.87 17.12 4.14
C SER F 29 5.32 17.27 2.72
N VAL F 30 5.59 16.27 1.88
CA VAL F 30 5.04 16.19 0.54
C VAL F 30 4.16 14.95 0.39
N TYR F 31 3.75 14.43 1.54
CA TYR F 31 2.92 13.22 1.66
C TYR F 31 3.57 12.04 0.96
N TYR F 32 3.14 11.77 -0.26
CA TYR F 32 3.68 10.69 -1.06
C TYR F 32 3.66 11.12 -2.51
N SER F 33 4.08 12.35 -2.76
CA SER F 33 4.07 12.89 -4.12
C SER F 33 5.48 13.25 -4.56
N VAL F 34 6.30 12.21 -4.73
CA VAL F 34 7.70 12.35 -5.13
C VAL F 34 7.99 11.43 -6.31
N ALA F 35 8.72 11.95 -7.29
CA ALA F 35 9.16 11.20 -8.45
C ALA F 35 10.68 11.18 -8.50
N TRP F 36 11.22 10.17 -9.18
CA TRP F 36 12.65 10.02 -9.40
C TRP F 36 12.93 9.91 -10.90
N TYR F 37 13.91 10.67 -11.37
CA TYR F 37 14.31 10.68 -12.78
C TYR F 37 15.77 10.28 -12.93
N GLN F 38 16.08 9.66 -14.06
CA GLN F 38 17.44 9.33 -14.44
C GLN F 38 17.81 10.17 -15.65
N GLN F 39 19.01 10.75 -15.63
CA GLN F 39 19.46 11.51 -16.79
C GLN F 39 20.91 11.16 -17.11
N LYS F 40 21.13 10.79 -18.31
CA LYS F 40 22.46 10.55 -18.82
C LYS F 40 22.97 11.78 -19.59
N PRO F 41 24.29 11.94 -19.68
CA PRO F 41 24.83 13.17 -20.27
C PRO F 41 24.36 13.35 -21.71
N GLY F 42 23.94 14.58 -22.01
CA GLY F 42 23.44 14.93 -23.32
C GLY F 42 22.05 14.42 -23.63
N LYS F 43 21.36 13.84 -22.64
CA LYS F 43 20.11 13.16 -22.92
C LYS F 43 19.04 13.71 -21.99
N ALA F 44 17.78 13.44 -22.37
CA ALA F 44 16.64 13.88 -21.59
C ALA F 44 16.40 12.95 -20.40
N PRO F 45 15.87 13.47 -19.32
CA PRO F 45 15.55 12.64 -18.17
C PRO F 45 14.49 11.59 -18.52
N LYS F 46 14.50 10.48 -17.79
CA LYS F 46 13.47 9.46 -17.88
C LYS F 46 12.85 9.26 -16.51
N LEU F 47 11.53 9.09 -16.46
CA LEU F 47 10.87 8.82 -15.18
C LEU F 47 11.14 7.38 -14.72
N LEU F 48 11.57 7.23 -13.48
CA LEU F 48 11.78 5.90 -12.90
C LEU F 48 10.66 5.51 -11.94
N ILE F 49 10.35 6.39 -11.01
CA ILE F 49 9.47 6.14 -9.88
C ILE F 49 8.53 7.33 -9.76
N TYR F 50 7.26 7.07 -9.45
CA TYR F 50 6.34 8.13 -9.07
C TYR F 50 5.61 7.72 -7.80
N SER F 51 5.01 8.70 -7.13
CA SER F 51 4.26 8.46 -5.89
C SER F 51 5.14 7.74 -4.85
N ALA F 52 6.43 8.15 -4.80
CA ALA F 52 7.46 7.70 -3.87
C ALA F 52 8.01 6.32 -4.18
N SER F 53 7.15 5.36 -4.55
CA SER F 53 7.56 3.96 -4.61
C SER F 53 7.02 3.18 -5.79
N TYR F 54 6.27 3.79 -6.70
CA TYR F 54 5.62 3.04 -7.76
C TYR F 54 6.52 3.09 -8.99
N LEU F 55 6.84 1.92 -9.54
CA LEU F 55 7.67 1.87 -10.74
C LEU F 55 6.87 2.33 -11.94
N TYR F 56 7.47 3.21 -12.73
CA TYR F 56 6.86 3.60 -14.00
C TYR F 56 7.01 2.45 -15.00
N SER F 57 6.13 2.43 -16.00
CA SER F 57 6.13 1.34 -16.98
C SER F 57 7.48 1.17 -17.63
N GLY F 58 7.95 -0.07 -17.66
CA GLY F 58 9.16 -0.44 -18.35
C GLY F 58 10.43 -0.26 -17.56
N VAL F 59 10.35 0.29 -16.36
CA VAL F 59 11.55 0.53 -15.54
C VAL F 59 11.94 -0.78 -14.87
N PRO F 60 13.21 -1.16 -14.91
CA PRO F 60 13.62 -2.44 -14.30
C PRO F 60 13.34 -2.49 -12.81
N SER F 61 13.06 -3.70 -12.33
CA SER F 61 12.66 -3.88 -10.93
C SER F 61 13.80 -3.73 -9.95
N ARG F 62 15.06 -3.60 -10.40
CA ARG F 62 16.13 -3.33 -9.45
C ARG F 62 16.02 -1.92 -8.88
N PHE F 63 15.25 -1.03 -9.52
CA PHE F 63 14.98 0.29 -8.98
C PHE F 63 13.79 0.21 -8.03
N SER F 64 13.92 0.85 -6.86
CA SER F 64 12.81 0.96 -5.91
C SER F 64 12.91 2.29 -5.18
N GLY F 65 11.81 2.68 -4.55
CA GLY F 65 11.75 3.94 -3.84
C GLY F 65 11.01 3.75 -2.52
N SER F 66 11.36 4.56 -1.54
CA SER F 66 10.72 4.43 -0.24
C SER F 66 10.69 5.79 0.44
N ARG F 67 9.91 5.88 1.51
CA ARG F 67 9.74 7.13 2.22
C ARG F 67 9.85 6.91 3.71
N SER F 68 10.56 7.81 4.38
CA SER F 68 10.56 7.91 5.84
C SER F 68 10.39 9.37 6.22
N GLY F 69 9.16 9.77 6.50
CA GLY F 69 8.87 11.17 6.78
C GLY F 69 9.11 12.03 5.57
N THR F 70 10.05 12.97 5.69
CA THR F 70 10.40 13.82 4.56
C THR F 70 11.62 13.30 3.78
N ASP F 71 12.19 12.19 4.20
CA ASP F 71 13.34 11.61 3.54
C ASP F 71 12.87 10.57 2.52
N PHE F 72 13.26 10.75 1.27
CA PHE F 72 12.92 9.85 0.19
C PHE F 72 14.18 9.23 -0.35
N THR F 73 14.14 7.93 -0.57
CA THR F 73 15.31 7.18 -1.01
C THR F 73 15.00 6.45 -2.31
N LEU F 74 15.92 6.54 -3.24
CA LEU F 74 15.94 5.69 -4.41
C LEU F 74 17.01 4.63 -4.19
N THR F 75 16.63 3.36 -4.38
CA THR F 75 17.54 2.24 -4.20
C THR F 75 17.67 1.48 -5.49
N ILE F 76 18.90 1.21 -5.90
CA ILE F 76 19.20 0.30 -6.99
C ILE F 76 19.77 -0.97 -6.36
N SER F 77 19.07 -2.08 -6.51
CA SER F 77 19.41 -3.25 -5.69
C SER F 77 20.73 -3.86 -6.12
N SER F 78 21.00 -3.91 -7.43
CA SER F 78 22.27 -4.42 -7.97
C SER F 78 22.61 -3.56 -9.17
N LEU F 79 23.57 -2.64 -8.99
CA LEU F 79 23.86 -1.64 -10.00
C LEU F 79 24.37 -2.30 -11.28
N GLN F 80 23.80 -1.90 -12.41
CA GLN F 80 24.19 -2.40 -13.71
C GLN F 80 24.99 -1.34 -14.44
N PRO F 81 25.74 -1.71 -15.49
CA PRO F 81 26.58 -0.72 -16.16
C PRO F 81 25.81 0.44 -16.77
N GLU F 82 24.60 0.19 -17.26
CA GLU F 82 23.79 1.28 -17.79
C GLU F 82 23.20 2.17 -16.69
N ASP F 83 23.51 1.92 -15.42
CA ASP F 83 22.93 2.72 -14.35
C ASP F 83 23.80 3.90 -13.92
N PHE F 84 25.04 3.99 -14.38
CA PHE F 84 25.84 5.16 -14.08
C PHE F 84 25.24 6.37 -14.81
N ALA F 85 24.81 7.35 -14.03
CA ALA F 85 23.96 8.42 -14.49
C ALA F 85 23.74 9.40 -13.34
N THR F 86 22.99 10.45 -13.60
CA THR F 86 22.54 11.35 -12.55
C THR F 86 21.07 11.11 -12.27
N TYR F 87 20.71 11.15 -11.00
CA TYR F 87 19.37 10.88 -10.55
C TYR F 87 18.82 12.12 -9.85
N TYR F 88 17.59 12.47 -10.18
CA TYR F 88 16.93 13.64 -9.61
C TYR F 88 15.65 13.21 -8.93
N CYS F 89 15.39 13.79 -7.75
CA CYS F 89 14.07 13.68 -7.14
C CYS F 89 13.27 14.94 -7.45
N GLN F 90 11.96 14.83 -7.28
CA GLN F 90 11.08 15.96 -7.56
C GLN F 90 9.82 15.76 -6.73
N GLN F 91 9.31 16.84 -6.12
CA GLN F 91 8.01 16.79 -5.47
C GLN F 91 6.95 17.41 -6.37
N TYR F 92 5.73 16.89 -6.25
CA TYR F 92 4.58 17.50 -6.90
C TYR F 92 3.40 17.54 -5.94
N ARG F 93 3.67 17.57 -4.63
CA ARG F 93 2.61 17.78 -3.65
C ARG F 93 2.02 19.18 -3.78
N ARG F 94 2.86 20.16 -4.10
CA ARG F 94 2.46 21.56 -4.10
C ARG F 94 3.15 22.29 -5.25
N ARG F 95 2.41 23.07 -5.96
CA ARG F 95 3.00 23.88 -7.02
C ARG F 95 3.72 25.09 -6.44
N PRO F 96 4.84 25.52 -7.04
CA PRO F 96 5.50 24.94 -8.23
C PRO F 96 6.24 23.66 -7.93
N ILE F 97 6.31 22.75 -8.91
CA ILE F 97 7.11 21.57 -8.72
C ILE F 97 8.56 21.98 -8.57
N THR F 98 9.28 21.24 -7.75
CA THR F 98 10.67 21.55 -7.43
C THR F 98 11.51 20.29 -7.51
N PHE F 99 12.77 20.45 -7.91
CA PHE F 99 13.68 19.32 -8.08
C PHE F 99 14.82 19.41 -7.08
N GLY F 100 15.34 18.25 -6.68
CA GLY F 100 16.63 18.21 -6.02
C GLY F 100 17.74 18.53 -7.01
N GLN F 101 18.94 18.76 -6.49
CA GLN F 101 20.01 19.14 -7.40
C GLN F 101 20.72 17.95 -8.02
N GLY F 102 20.32 16.73 -7.70
CA GLY F 102 20.88 15.61 -8.43
C GLY F 102 21.93 14.86 -7.65
N THR F 103 22.04 13.56 -7.93
CA THR F 103 23.14 12.73 -7.43
C THR F 103 23.72 11.99 -8.61
N LYS F 104 24.99 12.22 -8.90
CA LYS F 104 25.69 11.50 -9.97
C LYS F 104 26.26 10.20 -9.40
N VAL F 105 25.86 9.07 -9.97
CA VAL F 105 26.45 7.78 -9.62
C VAL F 105 27.60 7.52 -10.58
N GLU F 106 28.82 7.42 -10.05
CA GLU F 106 30.04 7.31 -10.85
C GLU F 106 30.70 5.96 -10.57
N ILE F 107 31.70 5.62 -11.40
CA ILE F 107 32.35 4.30 -11.37
C ILE F 107 33.48 4.30 -10.36
N LYS F 108 33.45 3.36 -9.42
CA LYS F 108 34.53 3.25 -8.47
C LYS F 108 35.72 2.54 -9.12
N ARG F 109 36.93 2.99 -8.79
CA ARG F 109 38.15 2.30 -9.19
C ARG F 109 39.22 2.56 -8.14
N THR F 110 40.40 2.00 -8.37
CA THR F 110 41.49 2.12 -7.43
C THR F 110 41.99 3.56 -7.44
N VAL F 111 42.50 3.99 -6.30
CA VAL F 111 43.02 5.35 -6.18
C VAL F 111 44.15 5.53 -7.19
N ALA F 112 44.20 6.71 -7.80
CA ALA F 112 45.25 7.07 -8.76
C ALA F 112 45.69 8.50 -8.51
N ALA F 113 46.98 8.69 -8.23
CA ALA F 113 47.51 10.03 -8.06
C ALA F 113 47.58 10.74 -9.40
N PRO F 114 47.36 12.06 -9.44
CA PRO F 114 47.54 12.79 -10.69
C PRO F 114 49.01 12.94 -11.04
N SER F 115 49.30 12.92 -12.33
CA SER F 115 50.55 13.46 -12.85
C SER F 115 50.30 14.94 -13.09
N VAL F 116 51.20 15.77 -12.59
CA VAL F 116 51.01 17.23 -12.56
C VAL F 116 52.00 17.87 -13.50
N PHE F 117 51.52 18.82 -14.30
CA PHE F 117 52.35 19.59 -15.23
C PHE F 117 51.91 21.04 -15.16
N ILE F 118 52.88 21.95 -15.25
CA ILE F 118 52.61 23.38 -15.31
C ILE F 118 53.11 23.93 -16.64
N PHE F 119 52.36 24.89 -17.20
CA PHE F 119 52.70 25.49 -18.49
C PHE F 119 52.78 27.00 -18.35
N PRO F 120 53.93 27.61 -18.61
CA PRO F 120 54.01 29.07 -18.66
C PRO F 120 53.16 29.58 -19.80
N PRO F 121 52.80 30.87 -19.81
CA PRO F 121 52.15 31.41 -21.00
C PRO F 121 53.11 31.41 -22.18
N SER F 122 52.57 31.14 -23.37
CA SER F 122 53.37 31.26 -24.58
C SER F 122 53.74 32.71 -24.85
N ASP F 123 54.82 32.88 -25.61
CA ASP F 123 55.20 34.23 -26.04
C ASP F 123 54.14 34.82 -26.95
N GLU F 124 53.49 33.98 -27.76
CA GLU F 124 52.37 34.45 -28.58
C GLU F 124 51.31 35.14 -27.73
N GLN F 125 50.92 34.53 -26.61
CA GLN F 125 49.88 35.12 -25.79
C GLN F 125 50.35 36.41 -25.13
N LEU F 126 51.55 36.38 -24.58
CA LEU F 126 52.10 37.57 -23.94
C LEU F 126 52.07 38.77 -24.88
N LYS F 127 52.41 38.55 -26.15
CA LYS F 127 52.37 39.62 -27.14
C LYS F 127 50.97 40.23 -27.26
N SER F 128 49.93 39.43 -27.05
CA SER F 128 48.57 39.96 -27.15
C SER F 128 48.13 40.69 -25.88
N GLY F 129 48.86 40.56 -24.78
CA GLY F 129 48.60 41.32 -23.58
C GLY F 129 48.12 40.53 -22.38
N THR F 130 47.92 39.23 -22.52
CA THR F 130 47.45 38.37 -21.45
C THR F 130 48.46 37.25 -21.19
N ALA F 131 48.32 36.59 -20.04
CA ALA F 131 49.20 35.51 -19.61
C ALA F 131 48.34 34.47 -18.90
N SER F 132 48.00 33.40 -19.60
CA SER F 132 47.34 32.26 -18.97
C SER F 132 48.41 31.27 -18.51
N VAL F 133 48.38 30.91 -17.24
CA VAL F 133 49.25 29.86 -16.70
C VAL F 133 48.37 28.64 -16.45
N VAL F 134 48.73 27.51 -17.04
CA VAL F 134 47.92 26.30 -16.98
C VAL F 134 48.63 25.26 -16.12
N CYS F 135 47.87 24.69 -15.19
CA CYS F 135 48.32 23.56 -14.39
C CYS F 135 47.44 22.36 -14.70
N LEU F 136 48.05 21.24 -15.04
CA LEU F 136 47.34 20.06 -15.51
C LEU F 136 47.44 18.95 -14.48
N LEU F 137 46.30 18.36 -14.12
CA LEU F 137 46.25 17.16 -13.29
C LEU F 137 45.70 16.04 -14.16
N ASN F 138 46.52 15.04 -14.42
CA ASN F 138 46.18 14.05 -15.45
C ASN F 138 45.86 12.70 -14.81
N ASN F 139 44.68 12.17 -15.14
CA ASN F 139 44.29 10.78 -14.89
C ASN F 139 44.43 10.40 -13.41
N PHE F 140 43.61 11.05 -12.60
CA PHE F 140 43.61 10.80 -11.18
C PHE F 140 42.22 10.29 -10.77
N TYR F 141 42.17 9.71 -9.57
CA TYR F 141 40.97 9.18 -8.96
C TYR F 141 41.23 9.06 -7.46
N PRO F 142 40.31 9.50 -6.58
CA PRO F 142 38.98 10.04 -6.87
C PRO F 142 38.98 11.50 -7.33
N ARG F 143 37.77 12.04 -7.53
CA ARG F 143 37.63 13.36 -8.17
C ARG F 143 38.18 14.47 -7.28
N GLU F 144 38.12 14.30 -5.97
CA GLU F 144 38.49 15.37 -5.05
C GLU F 144 39.96 15.71 -5.16
N ALA F 145 40.24 16.99 -5.39
CA ALA F 145 41.62 17.48 -5.43
C ALA F 145 41.61 18.97 -5.15
N LYS F 146 42.69 19.44 -4.55
CA LYS F 146 42.84 20.85 -4.20
C LYS F 146 44.03 21.38 -4.98
N VAL F 147 43.79 22.43 -5.76
CA VAL F 147 44.82 23.03 -6.59
C VAL F 147 45.04 24.45 -6.10
N GLN F 148 46.27 24.76 -5.68
CA GLN F 148 46.59 26.06 -5.13
C GLN F 148 47.62 26.74 -6.02
N TRP F 149 47.35 27.99 -6.38
CA TRP F 149 48.30 28.82 -7.12
C TRP F 149 49.07 29.70 -6.17
N LYS F 150 50.39 29.76 -6.35
CA LYS F 150 51.24 30.64 -5.57
C LYS F 150 52.10 31.44 -6.55
N VAL F 151 52.11 32.76 -6.39
CA VAL F 151 52.93 33.66 -7.21
C VAL F 151 53.86 34.40 -6.27
N ASP F 152 55.17 34.24 -6.49
CA ASP F 152 56.20 34.73 -5.57
C ASP F 152 55.82 34.37 -4.13
N ASN F 153 55.39 33.13 -3.96
CA ASN F 153 55.00 32.51 -2.71
C ASN F 153 53.73 33.11 -2.12
N ALA F 154 53.03 33.95 -2.86
CA ALA F 154 51.77 34.53 -2.41
C ALA F 154 50.62 33.70 -2.94
N LEU F 155 49.78 33.22 -2.04
CA LEU F 155 48.63 32.40 -2.43
C LEU F 155 47.62 33.23 -3.20
N GLN F 156 47.22 32.75 -4.36
CA GLN F 156 46.29 33.44 -5.23
C GLN F 156 44.85 33.07 -4.91
N SER F 157 43.95 34.02 -5.13
CA SER F 157 42.53 33.78 -4.94
C SER F 157 41.75 34.61 -5.95
N GLY F 158 40.70 34.03 -6.52
CA GLY F 158 39.81 34.75 -7.40
C GLY F 158 40.26 34.88 -8.84
N ASN F 159 41.55 34.66 -9.16
CA ASN F 159 42.03 34.84 -10.52
C ASN F 159 42.32 33.51 -11.25
N SER F 160 41.69 32.42 -10.83
CA SER F 160 41.86 31.14 -11.51
C SER F 160 40.50 30.47 -11.74
N GLN F 161 40.47 29.55 -12.72
CA GLN F 161 39.27 28.78 -13.05
C GLN F 161 39.68 27.32 -13.31
N GLU F 162 38.86 26.39 -12.86
CA GLU F 162 39.11 24.95 -13.02
C GLU F 162 38.11 24.36 -13.99
N SER F 163 38.53 23.31 -14.67
CA SER F 163 37.67 22.53 -15.54
C SER F 163 38.07 21.07 -15.38
N VAL F 164 37.08 20.18 -15.31
CA VAL F 164 37.35 18.77 -15.01
C VAL F 164 36.60 17.90 -16.01
N THR F 165 37.28 16.87 -16.51
CA THR F 165 36.63 15.97 -17.45
C THR F 165 35.67 15.04 -16.73
N GLU F 166 34.74 14.49 -17.50
CA GLU F 166 33.99 13.35 -17.04
C GLU F 166 34.92 12.14 -16.93
N GLN F 167 34.49 11.13 -16.17
CA GLN F 167 35.28 9.91 -16.00
C GLN F 167 35.68 9.32 -17.34
N ASP F 168 36.95 9.04 -17.49
CA ASP F 168 37.44 8.47 -18.74
C ASP F 168 36.67 7.19 -19.04
N SER F 169 36.29 7.04 -20.31
CA SER F 169 35.55 5.86 -20.73
C SER F 169 36.39 4.59 -20.65
N LYS F 170 37.72 4.71 -20.65
CA LYS F 170 38.55 3.51 -20.59
C LYS F 170 39.06 3.19 -19.19
N ASP F 171 39.57 4.16 -18.45
CA ASP F 171 40.17 3.87 -17.16
C ASP F 171 39.47 4.55 -15.98
N SER F 172 38.37 5.26 -16.21
CA SER F 172 37.54 5.79 -15.13
C SER F 172 38.23 6.89 -14.31
N THR F 173 39.31 7.49 -14.79
CA THR F 173 39.95 8.56 -14.06
C THR F 173 39.39 9.93 -14.49
N TYR F 174 39.81 10.96 -13.77
CA TYR F 174 39.52 12.34 -14.09
C TYR F 174 40.81 13.03 -14.49
N SER F 175 40.66 14.09 -15.25
CA SER F 175 41.74 15.02 -15.49
C SER F 175 41.19 16.41 -15.26
N LEU F 176 42.06 17.32 -14.86
CA LEU F 176 41.63 18.63 -14.44
C LEU F 176 42.66 19.67 -14.88
N SER F 177 42.16 20.79 -15.39
CA SER F 177 42.96 21.97 -15.65
C SER F 177 42.60 23.08 -14.68
N SER F 178 43.59 23.77 -14.16
CA SER F 178 43.42 25.03 -13.45
C SER F 178 44.20 26.09 -14.19
N THR F 179 43.53 27.16 -14.59
CA THR F 179 44.15 28.20 -15.40
C THR F 179 44.18 29.50 -14.63
N LEU F 180 45.39 30.01 -14.40
CA LEU F 180 45.62 31.30 -13.76
C LEU F 180 45.77 32.36 -14.85
N THR F 181 44.85 33.33 -14.86
CA THR F 181 44.83 34.34 -15.91
C THR F 181 45.24 35.70 -15.34
N LEU F 182 46.44 36.15 -15.68
CA LEU F 182 46.92 37.48 -15.35
C LEU F 182 47.03 38.32 -16.62
N SER F 183 47.04 39.63 -16.44
CA SER F 183 47.46 40.53 -17.50
C SER F 183 48.95 40.39 -17.73
N LYS F 184 49.40 40.80 -18.92
CA LYS F 184 50.84 40.80 -19.19
C LYS F 184 51.57 41.63 -18.15
N ALA F 185 51.01 42.79 -17.80
CA ALA F 185 51.65 43.65 -16.80
C ALA F 185 51.84 42.90 -15.48
N ASP F 186 50.77 42.32 -14.95
CA ASP F 186 50.89 41.61 -13.68
C ASP F 186 51.86 40.45 -13.77
N TYR F 187 51.80 39.69 -14.88
CA TYR F 187 52.67 38.52 -15.01
C TYR F 187 54.15 38.90 -14.99
N GLU F 188 54.50 40.08 -15.51
CA GLU F 188 55.90 40.52 -15.47
C GLU F 188 56.30 41.10 -14.12
N LYS F 189 55.35 41.35 -13.23
CA LYS F 189 55.68 41.84 -11.90
C LYS F 189 56.24 40.75 -10.98
N HIS F 190 56.38 39.52 -11.44
CA HIS F 190 56.70 38.44 -10.51
C HIS F 190 57.59 37.41 -11.20
N LYS F 191 58.20 36.54 -10.40
CA LYS F 191 59.13 35.56 -10.95
C LYS F 191 58.65 34.12 -10.82
N VAL F 192 58.22 33.68 -9.64
CA VAL F 192 57.97 32.26 -9.39
C VAL F 192 56.49 31.97 -9.51
N TYR F 193 56.15 31.06 -10.41
CA TYR F 193 54.77 30.65 -10.63
C TYR F 193 54.66 29.18 -10.26
N ALA F 194 53.81 28.88 -9.28
CA ALA F 194 53.79 27.56 -8.67
C ALA F 194 52.37 27.07 -8.53
N CYS F 195 52.15 25.81 -8.92
CA CYS F 195 50.88 25.11 -8.80
C CYS F 195 51.07 23.99 -7.78
N GLU F 196 50.26 23.98 -6.72
CA GLU F 196 50.42 22.99 -5.64
C GLU F 196 49.17 22.13 -5.53
N VAL F 197 49.35 20.80 -5.57
CA VAL F 197 48.25 19.86 -5.72
C VAL F 197 48.19 18.92 -4.51
N THR F 198 47.00 18.80 -3.94
CA THR F 198 46.72 17.86 -2.87
C THR F 198 45.72 16.83 -3.40
N HIS F 199 46.02 15.56 -3.18
CA HIS F 199 45.13 14.49 -3.63
C HIS F 199 45.40 13.25 -2.78
N GLN F 200 44.34 12.48 -2.54
CA GLN F 200 44.45 11.27 -1.74
C GLN F 200 45.54 10.33 -2.23
N GLY F 201 45.79 10.30 -3.54
CA GLY F 201 46.82 9.42 -4.06
C GLY F 201 48.23 9.87 -3.81
N LEU F 202 48.41 11.05 -3.23
CA LEU F 202 49.74 11.61 -2.99
C LEU F 202 50.00 11.65 -1.49
N SER F 203 51.17 11.15 -1.09
CA SER F 203 51.52 11.14 0.33
C SER F 203 51.61 12.55 0.91
N SER F 204 52.05 13.52 0.11
CA SER F 204 52.13 14.92 0.53
C SER F 204 51.94 15.78 -0.72
N PRO F 205 51.55 17.05 -0.56
CA PRO F 205 51.21 17.87 -1.73
C PRO F 205 52.37 17.94 -2.72
N VAL F 206 52.03 17.91 -4.01
CA VAL F 206 53.01 18.01 -5.09
C VAL F 206 52.97 19.45 -5.61
N THR F 207 54.15 20.04 -5.81
CA THR F 207 54.26 21.40 -6.35
C THR F 207 55.09 21.35 -7.62
N LYS F 208 54.53 21.88 -8.70
CA LYS F 208 55.26 22.16 -9.93
C LYS F 208 55.34 23.66 -10.09
N SER F 209 56.49 24.15 -10.52
CA SER F 209 56.67 25.59 -10.62
C SER F 209 57.69 25.91 -11.71
N PHE F 210 57.73 27.18 -12.10
CA PHE F 210 58.74 27.66 -13.02
C PHE F 210 59.09 29.09 -12.62
N ASN F 211 60.22 29.56 -13.15
CA ASN F 211 60.63 30.95 -12.97
C ASN F 211 60.45 31.67 -14.29
N ARG F 212 59.72 32.79 -14.27
CA ARG F 212 59.47 33.56 -15.48
C ARG F 212 60.80 33.92 -16.10
N GLY F 213 60.89 33.79 -17.43
CA GLY F 213 62.13 34.08 -18.12
C GLY F 213 62.93 32.83 -18.40
N GLU F 214 63.23 32.08 -17.35
CA GLU F 214 64.08 30.89 -17.47
C GLU F 214 63.41 29.73 -18.20
C15 97C G . -7.06 32.62 16.88
C10 97C G . -7.79 34.87 12.65
C07 97C G . -7.43 37.95 10.28
C08 97C G . -7.87 36.55 10.75
C09 97C G . -7.12 36.08 12.00
C11 97C G . -7.05 34.23 13.84
C14 97C G . -7.83 33.53 15.94
C17 97C G . -9.05 31.28 17.30
C18 97C G . -9.83 30.56 16.17
C19 97C G . -10.77 31.46 15.33
C20 97C G . -10.48 31.64 13.83
C22 97C G . -11.75 32.03 13.09
C23 97C G . -12.70 30.84 13.30
O12 97C G . -5.95 34.58 14.10
O13 97C G . -7.62 33.19 14.59
O16 97C G . -7.67 31.36 17.04
O21 97C G . -9.53 32.64 13.62
C15 97C H . -8.07 -27.09 -26.98
C10 97C H . -12.47 -25.07 -27.80
C07 97C H . -16.08 -24.47 -29.11
C08 97C H . -14.77 -24.18 -28.38
C09 97C H . -13.91 -25.43 -28.20
C11 97C H . -11.57 -26.28 -27.56
C14 97C H . -9.49 -26.82 -26.47
C17 97C H . -6.07 -25.88 -27.21
C18 97C H . -6.20 -24.37 -27.35
C19 97C H . -6.75 -23.97 -28.73
C20 97C H . -8.16 -23.35 -28.61
C22 97C H . -8.47 -22.46 -29.82
C23 97C H . -7.56 -21.23 -29.80
O12 97C H . -12.05 -27.37 -27.52
O13 97C H . -10.18 -26.10 -27.45
O16 97C H . -7.11 -26.26 -26.34
O21 97C H . -9.11 -24.36 -28.52
#